data_8WQD
#
_entry.id   8WQD
#
_cell.length_a   1.00
_cell.length_b   1.00
_cell.length_c   1.00
_cell.angle_alpha   90.00
_cell.angle_beta   90.00
_cell.angle_gamma   90.00
#
_symmetry.space_group_name_H-M   'P 1'
#
loop_
_entity.id
_entity.type
_entity.pdbx_description
1 polymer 'Protein fem-1 homolog B'
2 polymer 'Coiled-coil domain-containing protein 89'
#
loop_
_entity_poly.entity_id
_entity_poly.type
_entity_poly.pdbx_seq_one_letter_code
_entity_poly.pdbx_strand_id
1 'polypeptide(L)'
;MEGLAGYVYKAASEGKVLTLAALLLNRSESDIRYLLGYVSQQGGQRSTPLIIAARNGHAKVVRLLLEHYRVQTQQTGTVR
FDGYVIDGATALWCAAGAGHFEVVKLLVSHGANVNHTTVTNSTPLRAACFDGRLDIVKYLVENNANISIANKYDNTCLMI
AAYKGHTDVVRYLLEQRADPNAKAHCGATALHFAAEAGHIDIVKELIKWRAAIVVNGHGMTPLKVAAESCKADVVELLLS
HADCDRRSRIEALELLGASFANDRENYDIIKTYHYLYLAMLERFQDGDNILEKEVLPPIHAYGNRTECRNPQELESIRQD
RDALHMEGLIVRERILGADNIDVSHPIIYRGAVYADNMEFEQCIKLWLHALHLRQKGNRNTHKDLLRFAQVFSQMIHLNE
TVKAPDIECVLRCSVLEIEQSMNRVKNISDADVHNAMDNYECNLYTFLYLVCISTKTQCSEEDQCKINKQIYNLIHLDPR
TREGFTLLHLAVNSNTPVDDFHTNDVCSFPNALVTKLLLDCGAEVNAVDNEGNSALHIIVQYNRPISDFLTLHSIIISLV
EAGAHTDMTNKQNKTPLDKSTTGVSEILLKTQMKMSLKCLAARAVRANDINYQDQIPRTLEEFVGFH
;
D
2 'polypeptide(L)' GGGSGGGSKKHSLDLLSKERELNGKLRHLSP G
#
# COMPACT_ATOMS: atom_id res chain seq x y z
N MET A 1 16.32 40.55 -11.98
CA MET A 1 16.10 41.03 -10.61
C MET A 1 15.38 39.98 -9.77
N GLU A 2 15.73 38.71 -9.98
CA GLU A 2 15.13 37.63 -9.21
C GLU A 2 15.57 37.66 -7.75
N GLY A 3 16.68 38.34 -7.43
CA GLY A 3 17.11 38.43 -6.05
C GLY A 3 16.13 39.18 -5.17
N LEU A 4 15.58 40.28 -5.68
CA LEU A 4 14.55 40.99 -4.94
C LEU A 4 13.32 40.13 -4.73
N ALA A 5 12.93 39.35 -5.75
CA ALA A 5 11.79 38.46 -5.60
C ALA A 5 12.04 37.39 -4.55
N GLY A 6 13.25 36.83 -4.52
CA GLY A 6 13.58 35.86 -3.50
C GLY A 6 13.58 36.44 -2.10
N TYR A 7 14.16 37.63 -1.94
CA TYR A 7 14.16 38.28 -0.63
C TYR A 7 12.74 38.65 -0.20
N VAL A 8 11.89 39.06 -1.15
CA VAL A 8 10.51 39.40 -0.82
C VAL A 8 9.72 38.16 -0.43
N TYR A 9 9.95 37.04 -1.12
CA TYR A 9 9.32 35.79 -0.71
C TYR A 9 9.75 35.39 0.69
N LYS A 10 11.04 35.52 0.99
CA LYS A 10 11.52 35.19 2.33
C LYS A 10 10.92 36.11 3.38
N ALA A 11 10.82 37.41 3.08
CA ALA A 11 10.27 38.35 4.05
C ALA A 11 8.78 38.14 4.26
N ALA A 12 8.06 37.70 3.23
CA ALA A 12 6.64 37.44 3.38
C ALA A 12 6.38 36.12 4.11
N SER A 13 7.20 35.09 3.86
CA SER A 13 6.98 33.81 4.50
C SER A 13 7.24 33.89 6.00
N GLU A 14 8.24 34.68 6.41
CA GLU A 14 8.65 34.77 7.81
C GLU A 14 8.05 35.98 8.52
N GLY A 15 7.10 36.66 7.88
CA GLY A 15 6.40 37.75 8.54
C GLY A 15 7.26 38.95 8.87
N LYS A 16 8.16 39.32 7.97
CA LYS A 16 9.02 40.48 8.18
C LYS A 16 8.35 41.69 7.55
N VAL A 17 7.59 42.42 8.38
CA VAL A 17 6.88 43.60 7.89
C VAL A 17 7.86 44.69 7.47
N LEU A 18 8.83 44.98 8.35
CA LEU A 18 9.79 46.05 8.07
C LEU A 18 10.70 45.69 6.90
N THR A 19 11.15 44.44 6.83
CA THR A 19 12.01 44.03 5.73
C THR A 19 11.27 44.07 4.40
N LEU A 20 10.02 43.61 4.37
CA LEU A 20 9.26 43.67 3.13
C LEU A 20 8.94 45.10 2.74
N ALA A 21 8.68 45.97 3.72
CA ALA A 21 8.46 47.38 3.43
C ALA A 21 9.72 48.02 2.85
N ALA A 22 10.89 47.67 3.37
CA ALA A 22 12.14 48.19 2.83
C ALA A 22 12.44 47.62 1.46
N LEU A 23 12.07 46.36 1.22
CA LEU A 23 12.33 45.73 -0.06
C LEU A 23 11.47 46.34 -1.17
N LEU A 24 10.16 46.47 -0.93
CA LEU A 24 9.30 47.04 -1.95
C LEU A 24 9.37 48.56 -1.99
N LEU A 25 10.15 49.19 -1.12
CA LEU A 25 10.36 50.62 -1.22
C LEU A 25 11.17 50.95 -2.47
N ASN A 26 10.84 52.10 -3.08
CA ASN A 26 11.50 52.60 -4.29
C ASN A 26 11.38 51.61 -5.45
N ARG A 27 10.14 51.25 -5.76
CA ARG A 27 9.83 50.35 -6.87
C ARG A 27 8.71 50.94 -7.71
N SER A 28 8.72 50.60 -9.00
CA SER A 28 7.71 51.05 -9.95
C SER A 28 6.56 50.05 -10.02
N GLU A 29 5.49 50.46 -10.70
CA GLU A 29 4.28 49.64 -10.77
C GLU A 29 4.53 48.30 -11.45
N SER A 30 5.25 48.30 -12.57
CA SER A 30 5.63 47.04 -13.20
C SER A 30 6.54 46.23 -12.30
N ASP A 31 7.49 46.90 -11.63
CA ASP A 31 8.32 46.22 -10.66
C ASP A 31 7.50 45.69 -9.49
N ILE A 32 6.50 46.47 -9.05
CA ILE A 32 5.65 46.01 -7.95
C ILE A 32 4.92 44.74 -8.33
N ARG A 33 4.36 44.71 -9.54
CA ARG A 33 3.63 43.52 -10.00
C ARG A 33 4.58 42.34 -10.16
N TYR A 34 5.78 42.57 -10.68
CA TYR A 34 6.74 41.49 -10.84
C TYR A 34 7.14 40.89 -9.49
N LEU A 35 7.37 41.74 -8.49
CA LEU A 35 7.80 41.26 -7.19
C LEU A 35 6.66 40.61 -6.43
N LEU A 36 5.43 41.10 -6.59
CA LEU A 36 4.29 40.62 -5.82
C LEU A 36 3.44 39.59 -6.57
N GLY A 37 3.89 39.16 -7.75
CA GLY A 37 3.18 38.10 -8.45
C GLY A 37 4.08 36.96 -8.88
N TYR A 38 5.37 37.08 -8.61
CA TYR A 38 6.34 36.07 -9.05
C TYR A 38 6.13 34.77 -8.29
N VAL A 39 6.27 33.65 -8.99
CA VAL A 39 6.14 32.33 -8.37
C VAL A 39 7.51 31.84 -7.92
N SER A 40 7.64 31.55 -6.63
CA SER A 40 8.89 31.13 -6.02
C SER A 40 8.74 29.73 -5.45
N GLN A 41 9.83 28.96 -5.48
CA GLN A 41 9.86 27.64 -4.88
C GLN A 41 10.89 27.62 -3.76
N GLN A 42 10.44 27.26 -2.57
CA GLN A 42 11.29 27.12 -1.39
C GLN A 42 11.08 25.76 -0.76
N GLY A 43 11.06 24.72 -1.59
CA GLY A 43 10.95 23.36 -1.11
C GLY A 43 9.59 22.75 -1.35
N GLY A 44 9.47 21.98 -2.44
CA GLY A 44 8.26 21.22 -2.70
C GLY A 44 7.11 21.98 -3.34
N GLN A 45 6.95 23.26 -2.98
CA GLN A 45 5.74 23.99 -3.33
C GLN A 45 6.06 25.23 -4.14
N ARG A 46 5.26 25.46 -5.18
CA ARG A 46 5.26 26.75 -5.87
C ARG A 46 4.30 27.68 -5.14
N SER A 47 4.79 28.85 -4.74
CA SER A 47 3.93 29.78 -4.04
C SER A 47 4.40 31.21 -4.29
N THR A 48 3.44 32.09 -4.44
CA THR A 48 3.71 33.51 -4.57
C THR A 48 3.98 34.11 -3.19
N PRO A 49 4.56 35.32 -3.12
CA PRO A 49 4.77 35.95 -1.81
C PRO A 49 3.49 36.10 -0.99
N LEU A 50 2.37 36.45 -1.61
CA LEU A 50 1.14 36.64 -0.84
C LEU A 50 0.53 35.30 -0.43
N ILE A 51 0.65 34.27 -1.28
CA ILE A 51 0.15 32.95 -0.90
C ILE A 51 0.89 32.44 0.33
N ILE A 52 2.21 32.57 0.35
CA ILE A 52 2.98 32.09 1.50
C ILE A 52 2.90 33.06 2.69
N ALA A 53 2.51 34.32 2.45
CA ALA A 53 2.29 35.23 3.57
C ALA A 53 0.98 34.93 4.28
N ALA A 54 -0.08 34.62 3.52
CA ALA A 54 -1.34 34.24 4.13
C ALA A 54 -1.31 32.82 4.67
N ARG A 55 -0.52 31.94 4.07
CA ARG A 55 -0.47 30.55 4.53
C ARG A 55 0.29 30.42 5.85
N ASN A 56 1.20 31.35 6.13
CA ASN A 56 1.94 31.36 7.38
C ASN A 56 1.28 32.21 8.45
N GLY A 57 0.08 32.72 8.18
CA GLY A 57 -0.67 33.48 9.17
C GLY A 57 -0.06 34.81 9.55
N HIS A 58 0.56 35.51 8.60
CA HIS A 58 1.15 36.82 8.87
C HIS A 58 0.11 37.87 8.50
N ALA A 59 -0.73 38.23 9.46
CA ALA A 59 -1.81 39.17 9.20
C ALA A 59 -1.28 40.55 8.83
N LYS A 60 -0.21 40.99 9.48
CA LYS A 60 0.35 42.31 9.19
C LYS A 60 0.90 42.38 7.77
N VAL A 61 1.57 41.33 7.32
CA VAL A 61 2.12 41.30 5.97
C VAL A 61 1.01 41.32 4.93
N VAL A 62 -0.02 40.49 5.13
CA VAL A 62 -1.11 40.42 4.16
C VAL A 62 -1.88 41.72 4.13
N ARG A 63 -2.14 42.32 5.30
CA ARG A 63 -2.83 43.61 5.34
C ARG A 63 -1.98 44.71 4.70
N LEU A 64 -0.66 44.63 4.84
CA LEU A 64 0.21 45.62 4.18
C LEU A 64 0.19 45.46 2.67
N LEU A 65 0.13 44.21 2.19
CA LEU A 65 0.13 43.97 0.75
C LEU A 65 -1.15 44.45 0.09
N LEU A 66 -2.29 44.35 0.77
CA LEU A 66 -3.58 44.69 0.18
C LEU A 66 -3.99 46.14 0.39
N GLU A 67 -3.37 46.85 1.33
CA GLU A 67 -3.78 48.22 1.62
C GLU A 67 -3.25 49.20 0.58
N HIS A 68 -1.93 49.26 0.43
CA HIS A 68 -1.30 50.18 -0.52
C HIS A 68 -1.18 49.55 -1.91
N TYR A 69 -0.48 48.42 -2.00
CA TYR A 69 -0.27 47.77 -3.29
C TYR A 69 -1.57 47.17 -3.77
N ARG A 70 -1.84 47.30 -5.07
CA ARG A 70 -3.10 46.83 -5.66
C ARG A 70 -3.00 45.33 -5.99
N VAL A 71 -2.65 44.55 -4.98
CA VAL A 71 -2.43 43.12 -5.20
C VAL A 71 -3.76 42.41 -5.37
N GLN A 72 -3.74 41.31 -6.13
CA GLN A 72 -4.92 40.53 -6.45
C GLN A 72 -4.91 39.22 -5.68
N THR A 73 -6.10 38.79 -5.24
CA THR A 73 -6.25 37.60 -4.43
C THR A 73 -6.69 36.39 -5.26
N GLN A 74 -6.21 36.29 -6.50
CA GLN A 74 -6.59 35.22 -7.42
C GLN A 74 -5.38 34.48 -7.96
N GLN A 75 -4.27 34.49 -7.24
CA GLN A 75 -3.02 33.92 -7.74
C GLN A 75 -3.00 32.41 -7.54
N THR A 76 -2.07 31.75 -8.22
CA THR A 76 -2.01 30.31 -8.29
C THR A 76 -0.73 29.78 -7.66
N GLY A 77 -0.85 28.78 -6.80
CA GLY A 77 0.30 28.16 -6.18
C GLY A 77 0.01 26.82 -5.53
N THR A 78 1.04 26.18 -4.99
CA THR A 78 0.93 24.90 -4.30
C THR A 78 1.25 25.11 -2.82
N VAL A 79 0.57 24.34 -1.96
CA VAL A 79 0.54 24.66 -0.53
C VAL A 79 1.11 23.55 0.36
N ARG A 80 0.78 22.29 0.09
CA ARG A 80 1.09 21.21 1.02
C ARG A 80 1.99 20.17 0.37
N PHE A 81 2.68 19.39 1.21
CA PHE A 81 3.52 18.31 0.73
C PHE A 81 3.41 17.08 1.62
N ASP A 82 2.18 16.73 2.01
CA ASP A 82 1.91 15.44 2.65
C ASP A 82 0.94 14.69 1.76
N GLY A 83 1.46 14.05 0.72
CA GLY A 83 0.63 13.39 -0.27
C GLY A 83 -0.36 14.28 -0.98
N TYR A 84 -0.27 15.59 -0.79
CA TYR A 84 -1.27 16.55 -1.25
C TYR A 84 -0.58 17.60 -2.11
N VAL A 85 -0.39 17.30 -3.39
CA VAL A 85 0.20 18.24 -4.34
C VAL A 85 -0.96 18.81 -5.13
N ILE A 86 -1.47 19.95 -4.69
CA ILE A 86 -2.66 20.57 -5.26
C ILE A 86 -2.28 21.92 -5.84
N ASP A 87 -2.61 22.14 -7.11
CA ASP A 87 -2.33 23.40 -7.78
C ASP A 87 -3.57 24.28 -7.78
N GLY A 88 -3.40 25.52 -8.22
CA GLY A 88 -4.49 26.45 -8.35
C GLY A 88 -5.06 26.97 -7.04
N ALA A 89 -4.41 26.70 -5.91
CA ALA A 89 -4.90 27.16 -4.62
C ALA A 89 -4.60 28.63 -4.44
N THR A 90 -5.64 29.43 -4.27
CA THR A 90 -5.48 30.87 -4.08
C THR A 90 -5.09 31.16 -2.64
N ALA A 91 -5.13 32.42 -2.25
CA ALA A 91 -4.77 32.79 -0.89
C ALA A 91 -5.85 32.41 0.12
N LEU A 92 -7.12 32.42 -0.30
CA LEU A 92 -8.21 31.97 0.57
C LEU A 92 -8.05 30.51 0.95
N TRP A 93 -7.72 29.66 -0.02
CA TRP A 93 -7.54 28.25 0.27
C TRP A 93 -6.39 28.01 1.23
N CYS A 94 -5.27 28.71 1.02
CA CYS A 94 -4.12 28.58 1.91
C CYS A 94 -4.47 29.05 3.32
N ALA A 95 -5.15 30.19 3.42
CA ALA A 95 -5.53 30.72 4.73
C ALA A 95 -6.49 29.79 5.46
N ALA A 96 -7.45 29.22 4.74
CA ALA A 96 -8.39 28.30 5.38
C ALA A 96 -7.70 27.00 5.79
N GLY A 97 -6.81 26.48 4.94
CA GLY A 97 -6.10 25.26 5.31
C GLY A 97 -5.20 25.45 6.50
N ALA A 98 -4.50 26.58 6.57
CA ALA A 98 -3.67 26.88 7.73
C ALA A 98 -4.48 27.32 8.94
N GLY A 99 -5.77 27.60 8.77
CA GLY A 99 -6.63 27.95 9.87
C GLY A 99 -6.28 29.27 10.55
N HIS A 100 -6.14 30.33 9.77
CA HIS A 100 -5.87 31.66 10.30
C HIS A 100 -7.09 32.53 10.01
N PHE A 101 -7.94 32.70 11.03
CA PHE A 101 -9.12 33.55 10.89
C PHE A 101 -8.73 35.01 10.69
N GLU A 102 -7.58 35.41 11.23
CA GLU A 102 -7.22 36.83 11.22
C GLU A 102 -6.78 37.28 9.84
N VAL A 103 -6.35 36.35 8.99
CA VAL A 103 -5.93 36.75 7.64
C VAL A 103 -7.07 36.60 6.64
N VAL A 104 -7.91 35.58 6.83
CA VAL A 104 -9.03 35.36 5.91
C VAL A 104 -10.06 36.47 6.01
N LYS A 105 -10.21 37.05 7.21
CA LYS A 105 -11.11 38.20 7.37
C LYS A 105 -10.54 39.44 6.68
N LEU A 106 -9.21 39.61 6.73
CA LEU A 106 -8.56 40.72 6.07
C LEU A 106 -8.35 40.48 4.58
N LEU A 107 -8.59 39.25 4.10
CA LEU A 107 -8.42 38.90 2.70
C LEU A 107 -9.74 39.01 1.93
N VAL A 108 -10.82 38.49 2.51
CA VAL A 108 -12.14 38.56 1.86
C VAL A 108 -12.59 40.00 1.71
N SER A 109 -12.40 40.82 2.76
CA SER A 109 -12.89 42.18 2.76
C SER A 109 -12.21 43.06 1.70
N HIS A 110 -11.07 42.63 1.17
CA HIS A 110 -10.36 43.39 0.15
C HIS A 110 -10.62 42.84 -1.26
N GLY A 111 -11.83 42.35 -1.51
CA GLY A 111 -12.20 41.91 -2.84
C GLY A 111 -11.63 40.56 -3.23
N ALA A 112 -12.06 39.51 -2.54
CA ALA A 112 -11.52 38.18 -2.74
C ALA A 112 -12.59 37.21 -3.23
N ASN A 113 -12.13 36.02 -3.63
CA ASN A 113 -12.99 34.98 -4.17
C ASN A 113 -13.31 33.99 -3.06
N VAL A 114 -14.49 34.14 -2.46
CA VAL A 114 -14.89 33.27 -1.36
C VAL A 114 -15.12 31.85 -1.85
N ASN A 115 -15.64 31.68 -3.06
CA ASN A 115 -15.95 30.36 -3.59
C ASN A 115 -15.06 30.03 -4.78
N HIS A 116 -13.77 30.30 -4.63
CA HIS A 116 -12.78 29.91 -5.63
C HIS A 116 -12.78 28.40 -5.81
N THR A 117 -12.43 27.97 -7.02
CA THR A 117 -12.41 26.55 -7.37
C THR A 117 -11.03 26.20 -7.90
N THR A 118 -10.28 25.42 -7.14
CA THR A 118 -8.93 25.03 -7.53
C THR A 118 -8.99 23.89 -8.55
N VAL A 119 -7.85 23.24 -8.80
CA VAL A 119 -7.78 22.23 -9.84
C VAL A 119 -8.66 21.02 -9.50
N THR A 120 -8.60 20.53 -8.27
CA THR A 120 -9.49 19.45 -7.84
C THR A 120 -10.73 20.00 -7.13
N ASN A 121 -11.34 21.03 -7.75
CA ASN A 121 -12.58 21.66 -7.30
C ASN A 121 -12.76 21.75 -5.79
N SER A 122 -11.71 22.17 -5.08
CA SER A 122 -11.75 22.26 -3.63
C SER A 122 -11.98 23.72 -3.23
N THR A 123 -13.17 24.01 -2.76
CA THR A 123 -13.51 25.35 -2.30
C THR A 123 -12.67 25.70 -1.08
N PRO A 124 -12.35 26.98 -0.87
CA PRO A 124 -11.73 27.37 0.41
C PRO A 124 -12.54 26.95 1.63
N LEU A 125 -13.86 26.81 1.50
CA LEU A 125 -14.66 26.30 2.60
C LEU A 125 -14.26 24.87 2.96
N ARG A 126 -13.83 24.08 1.97
CA ARG A 126 -13.41 22.72 2.25
C ARG A 126 -12.18 22.68 3.13
N ALA A 127 -11.22 23.58 2.89
CA ALA A 127 -10.02 23.62 3.73
C ALA A 127 -10.35 24.05 5.15
N ALA A 128 -11.21 25.06 5.30
CA ALA A 128 -11.61 25.50 6.63
C ALA A 128 -12.37 24.43 7.37
N CYS A 129 -13.19 23.65 6.67
CA CYS A 129 -13.84 22.50 7.30
C CYS A 129 -12.83 21.41 7.65
N PHE A 130 -11.80 21.23 6.83
CA PHE A 130 -10.76 20.27 7.14
C PHE A 130 -10.01 20.64 8.42
N ASP A 131 -9.68 21.92 8.57
CA ASP A 131 -9.09 22.36 9.83
C ASP A 131 -10.09 22.28 10.97
N GLY A 132 -11.34 22.66 10.72
CA GLY A 132 -12.37 22.59 11.72
C GLY A 132 -12.62 23.86 12.50
N ARG A 133 -12.09 25.00 12.06
CA ARG A 133 -12.33 26.25 12.75
C ARG A 133 -13.70 26.79 12.34
N LEU A 134 -14.58 26.97 13.33
CA LEU A 134 -15.93 27.44 13.06
C LEU A 134 -15.92 28.88 12.55
N ASP A 135 -14.99 29.70 13.05
CA ASP A 135 -14.99 31.12 12.71
C ASP A 135 -14.69 31.35 11.23
N ILE A 136 -13.78 30.57 10.65
CA ILE A 136 -13.47 30.72 9.24
C ILE A 136 -14.63 30.21 8.39
N VAL A 137 -15.19 29.05 8.74
CA VAL A 137 -16.30 28.51 7.99
C VAL A 137 -17.50 29.45 8.02
N LYS A 138 -17.81 30.00 9.20
CA LYS A 138 -18.95 30.88 9.33
C LYS A 138 -18.73 32.17 8.54
N TYR A 139 -17.52 32.72 8.58
CA TYR A 139 -17.24 33.94 7.83
C TYR A 139 -17.33 33.69 6.33
N LEU A 140 -16.83 32.55 5.86
CA LEU A 140 -16.90 32.23 4.45
C LEU A 140 -18.36 32.04 4.01
N VAL A 141 -19.12 31.24 4.75
CA VAL A 141 -20.50 30.93 4.37
C VAL A 141 -21.35 32.19 4.40
N GLU A 142 -21.15 33.05 5.39
CA GLU A 142 -21.88 34.31 5.42
C GLU A 142 -21.47 35.21 4.25
N ASN A 143 -20.25 35.07 3.76
CA ASN A 143 -19.79 35.85 2.61
C ASN A 143 -19.99 35.12 1.30
N ASN A 144 -21.20 34.62 1.07
CA ASN A 144 -21.63 34.05 -0.21
C ASN A 144 -20.72 32.90 -0.65
N ALA A 145 -20.72 31.83 0.14
CA ALA A 145 -19.97 30.63 -0.17
C ALA A 145 -20.92 29.48 -0.47
N ASN A 146 -20.62 28.72 -1.53
CA ASN A 146 -21.43 27.58 -1.89
C ASN A 146 -21.05 26.39 -1.02
N ILE A 147 -22.07 25.74 -0.45
CA ILE A 147 -21.84 24.59 0.41
C ILE A 147 -21.92 23.27 -0.34
N SER A 148 -22.71 23.20 -1.41
CA SER A 148 -22.90 21.98 -2.16
C SER A 148 -21.79 21.71 -3.17
N ILE A 149 -20.87 22.64 -3.38
CA ILE A 149 -19.79 22.45 -4.34
C ILE A 149 -18.79 21.47 -3.76
N ALA A 150 -18.52 20.39 -4.50
CA ALA A 150 -17.59 19.36 -4.09
C ALA A 150 -16.55 19.15 -5.17
N ASN A 151 -15.61 18.24 -4.92
CA ASN A 151 -14.57 17.94 -5.88
C ASN A 151 -15.13 16.98 -6.94
N LYS A 152 -14.23 16.44 -7.77
CA LYS A 152 -14.65 15.51 -8.81
C LYS A 152 -15.13 14.18 -8.24
N TYR A 153 -14.72 13.83 -7.02
CA TYR A 153 -15.15 12.60 -6.38
C TYR A 153 -16.37 12.81 -5.49
N ASP A 154 -16.98 14.00 -5.54
CA ASP A 154 -18.15 14.36 -4.75
C ASP A 154 -17.89 14.17 -3.25
N ASN A 155 -16.92 14.92 -2.75
CA ASN A 155 -16.61 15.01 -1.33
C ASN A 155 -16.94 16.43 -0.90
N THR A 156 -18.18 16.64 -0.46
CA THR A 156 -18.67 17.98 -0.16
C THR A 156 -17.96 18.53 1.08
N CYS A 157 -18.27 19.79 1.39
CA CYS A 157 -17.74 20.42 2.60
C CYS A 157 -18.18 19.68 3.85
N LEU A 158 -19.41 19.18 3.86
CA LEU A 158 -19.94 18.51 5.04
C LEU A 158 -19.22 17.19 5.29
N MET A 159 -18.88 16.46 4.22
CA MET A 159 -18.32 15.11 4.38
C MET A 159 -16.92 15.15 4.97
N ILE A 160 -16.09 16.09 4.52
CA ILE A 160 -14.75 16.20 5.09
C ILE A 160 -14.82 16.72 6.52
N ALA A 161 -15.83 17.54 6.84
CA ALA A 161 -16.02 17.95 8.22
C ALA A 161 -16.55 16.80 9.06
N ALA A 162 -17.36 15.93 8.49
CA ALA A 162 -17.85 14.76 9.21
C ALA A 162 -16.78 13.69 9.35
N TYR A 163 -15.82 13.64 8.43
CA TYR A 163 -14.74 12.66 8.53
C TYR A 163 -13.88 12.94 9.76
N LYS A 164 -13.55 14.20 10.01
CA LYS A 164 -12.75 14.57 11.16
C LYS A 164 -13.63 14.76 12.39
N GLY A 165 -12.99 14.95 13.54
CA GLY A 165 -13.70 15.07 14.79
C GLY A 165 -14.08 16.49 15.16
N HIS A 166 -14.55 17.25 14.18
CA HIS A 166 -15.01 18.62 14.39
C HIS A 166 -16.53 18.60 14.49
N THR A 167 -17.05 19.05 15.63
CA THR A 167 -18.48 18.98 15.89
C THR A 167 -19.18 20.31 15.59
N ASP A 168 -18.57 21.42 15.99
CA ASP A 168 -19.21 22.72 15.81
C ASP A 168 -19.44 23.04 14.35
N VAL A 169 -18.45 22.79 13.49
CA VAL A 169 -18.61 23.10 12.08
C VAL A 169 -19.67 22.20 11.44
N VAL A 170 -19.75 20.95 11.89
CA VAL A 170 -20.75 20.04 11.33
C VAL A 170 -22.15 20.48 11.72
N ARG A 171 -22.34 20.82 13.01
CA ARG A 171 -23.65 21.29 13.46
C ARG A 171 -24.03 22.59 12.76
N TYR A 172 -23.06 23.48 12.57
CA TYR A 172 -23.33 24.74 11.87
C TYR A 172 -23.71 24.48 10.42
N LEU A 173 -23.01 23.57 9.73
CA LEU A 173 -23.35 23.28 8.34
C LEU A 173 -24.73 22.68 8.23
N LEU A 174 -25.05 21.71 9.10
CA LEU A 174 -26.39 21.14 9.11
C LEU A 174 -27.45 22.17 9.47
N GLU A 175 -27.07 23.24 10.17
CA GLU A 175 -27.97 24.35 10.42
C GLU A 175 -27.97 25.38 9.30
N GLN A 176 -27.18 25.17 8.26
CA GLN A 176 -27.06 26.14 7.17
C GLN A 176 -27.46 25.52 5.83
N ARG A 177 -28.56 24.78 5.83
CA ARG A 177 -29.19 24.28 4.61
C ARG A 177 -28.25 23.38 3.79
N ALA A 178 -27.42 22.62 4.50
CA ALA A 178 -26.52 21.71 3.81
C ALA A 178 -27.26 20.45 3.42
N ASP A 179 -26.59 19.62 2.61
CA ASP A 179 -27.19 18.42 2.06
C ASP A 179 -26.65 17.19 2.77
N PRO A 180 -27.47 16.45 3.52
CA PRO A 180 -26.97 15.27 4.23
C PRO A 180 -27.03 13.98 3.42
N ASN A 181 -27.30 14.06 2.12
CA ASN A 181 -27.50 12.89 1.27
C ASN A 181 -26.54 12.93 0.08
N ALA A 182 -25.30 13.35 0.34
CA ALA A 182 -24.30 13.38 -0.71
C ALA A 182 -23.85 11.97 -1.05
N LYS A 183 -23.56 11.74 -2.33
CA LYS A 183 -23.14 10.43 -2.82
C LYS A 183 -21.76 10.56 -3.45
N ALA A 184 -20.76 9.92 -2.86
CA ALA A 184 -19.39 10.01 -3.35
C ALA A 184 -19.21 9.06 -4.54
N HIS A 185 -17.95 8.88 -4.97
CA HIS A 185 -17.67 7.99 -6.08
C HIS A 185 -17.87 6.53 -5.70
N CYS A 186 -17.64 6.18 -4.43
CA CYS A 186 -17.82 4.83 -3.94
C CYS A 186 -19.15 4.64 -3.23
N GLY A 187 -20.07 5.59 -3.38
CA GLY A 187 -21.37 5.50 -2.76
C GLY A 187 -21.42 5.95 -1.32
N ALA A 188 -20.29 6.34 -0.74
CA ALA A 188 -20.27 6.72 0.67
C ALA A 188 -20.97 8.05 0.87
N THR A 189 -21.88 8.09 1.85
CA THR A 189 -22.54 9.32 2.23
C THR A 189 -21.78 9.96 3.39
N ALA A 190 -22.40 10.93 4.04
CA ALA A 190 -21.78 11.55 5.20
C ALA A 190 -21.72 10.61 6.39
N LEU A 191 -22.74 9.75 6.55
CA LEU A 191 -22.80 8.89 7.72
C LEU A 191 -21.68 7.86 7.73
N HIS A 192 -21.21 7.42 6.57
CA HIS A 192 -20.20 6.37 6.54
C HIS A 192 -18.89 6.85 7.15
N PHE A 193 -18.39 8.01 6.73
CA PHE A 193 -17.14 8.52 7.27
C PHE A 193 -17.28 8.88 8.74
N ALA A 194 -18.37 9.55 9.12
CA ALA A 194 -18.56 9.92 10.51
C ALA A 194 -18.71 8.71 11.41
N ALA A 195 -19.33 7.64 10.91
CA ALA A 195 -19.49 6.44 11.70
C ALA A 195 -18.18 5.67 11.82
N GLU A 196 -17.43 5.55 10.73
CA GLU A 196 -16.17 4.80 10.78
C GLU A 196 -15.11 5.55 11.58
N ALA A 197 -15.16 6.88 11.60
CA ALA A 197 -14.20 7.64 12.39
C ALA A 197 -14.44 7.44 13.88
N GLY A 198 -15.70 7.44 14.30
CA GLY A 198 -16.02 7.22 15.71
C GLY A 198 -16.47 8.47 16.42
N HIS A 199 -17.20 9.34 15.74
CA HIS A 199 -17.72 10.57 16.31
C HIS A 199 -19.22 10.42 16.50
N ILE A 200 -19.64 10.23 17.76
CA ILE A 200 -21.06 10.02 18.04
C ILE A 200 -21.85 11.29 17.79
N ASP A 201 -21.26 12.45 18.07
CA ASP A 201 -22.01 13.71 17.96
C ASP A 201 -22.35 14.03 16.51
N ILE A 202 -21.41 13.79 15.59
CA ILE A 202 -21.66 14.06 14.17
C ILE A 202 -22.79 13.18 13.66
N VAL A 203 -22.75 11.89 14.00
CA VAL A 203 -23.78 10.95 13.56
C VAL A 203 -25.13 11.33 14.17
N LYS A 204 -25.15 11.71 15.44
CA LYS A 204 -26.40 12.11 16.07
C LYS A 204 -26.98 13.35 15.42
N GLU A 205 -26.14 14.34 15.11
CA GLU A 205 -26.64 15.55 14.46
C GLU A 205 -27.08 15.28 13.02
N LEU A 206 -26.46 14.31 12.35
CA LEU A 206 -26.91 13.97 11.01
C LEU A 206 -28.24 13.23 11.03
N ILE A 207 -28.40 12.24 11.92
CA ILE A 207 -29.66 11.52 11.99
C ILE A 207 -30.76 12.38 12.59
N LYS A 208 -30.40 13.45 13.28
CA LYS A 208 -31.39 14.47 13.64
C LYS A 208 -31.88 15.24 12.43
N TRP A 209 -31.02 15.42 11.42
CA TRP A 209 -31.36 16.16 10.21
C TRP A 209 -31.85 15.25 9.09
N ARG A 210 -32.44 14.11 9.43
CA ARG A 210 -32.98 13.16 8.45
C ARG A 210 -31.90 12.73 7.46
N ALA A 211 -30.90 12.03 8.02
CA ALA A 211 -29.69 11.69 7.27
C ALA A 211 -29.98 10.78 6.09
N ALA A 212 -31.13 10.11 6.06
CA ALA A 212 -31.57 9.28 4.93
C ALA A 212 -30.55 8.18 4.62
N ILE A 213 -30.45 7.25 5.59
CA ILE A 213 -29.56 6.11 5.52
C ILE A 213 -29.74 5.35 4.21
N VAL A 214 -28.67 5.22 3.44
CA VAL A 214 -28.71 4.50 2.17
C VAL A 214 -27.42 3.68 2.05
N VAL A 215 -27.55 2.48 1.49
CA VAL A 215 -26.40 1.60 1.34
C VAL A 215 -25.41 2.23 0.37
N ASN A 216 -24.12 2.12 0.70
CA ASN A 216 -23.07 2.72 -0.11
C ASN A 216 -22.85 1.86 -1.36
N GLY A 217 -21.80 2.17 -2.12
CA GLY A 217 -21.52 1.43 -3.33
C GLY A 217 -21.14 -0.02 -3.06
N HIS A 218 -20.32 -0.25 -2.05
CA HIS A 218 -19.81 -1.60 -1.78
C HIS A 218 -20.68 -2.35 -0.78
N GLY A 219 -21.99 -2.29 -0.98
CA GLY A 219 -22.95 -3.09 -0.22
C GLY A 219 -22.86 -2.96 1.28
N MET A 220 -22.65 -1.75 1.80
CA MET A 220 -22.48 -1.53 3.23
C MET A 220 -23.30 -0.33 3.67
N THR A 221 -24.30 -0.57 4.52
CA THR A 221 -25.01 0.51 5.18
C THR A 221 -24.10 1.17 6.22
N PRO A 222 -24.41 2.40 6.63
CA PRO A 222 -23.59 3.04 7.68
C PRO A 222 -23.47 2.24 8.97
N LEU A 223 -24.51 1.50 9.36
CA LEU A 223 -24.39 0.65 10.54
C LEU A 223 -23.30 -0.39 10.36
N LYS A 224 -23.23 -0.99 9.16
CA LYS A 224 -22.22 -2.01 8.90
C LYS A 224 -20.81 -1.42 8.96
N VAL A 225 -20.62 -0.21 8.43
CA VAL A 225 -19.30 0.41 8.48
C VAL A 225 -18.94 0.76 9.93
N ALA A 226 -19.91 1.27 10.69
CA ALA A 226 -19.65 1.60 12.08
C ALA A 226 -19.30 0.36 12.90
N ALA A 227 -20.01 -0.74 12.66
CA ALA A 227 -19.71 -1.99 13.36
C ALA A 227 -18.35 -2.54 12.93
N GLU A 228 -18.04 -2.42 11.64
CA GLU A 228 -16.76 -2.92 11.13
C GLU A 228 -15.59 -2.13 11.71
N SER A 229 -15.80 -0.84 11.97
CA SER A 229 -14.76 -0.01 12.57
C SER A 229 -14.69 -0.15 14.09
N CYS A 230 -15.35 -1.17 14.65
CA CYS A 230 -15.27 -1.51 16.07
C CYS A 230 -15.73 -0.35 16.95
N LYS A 231 -16.76 0.37 16.52
CA LYS A 231 -17.29 1.51 17.26
C LYS A 231 -18.65 1.13 17.83
N ALA A 232 -18.66 0.74 19.11
CA ALA A 232 -19.88 0.23 19.72
C ALA A 232 -20.90 1.35 19.94
N ASP A 233 -20.47 2.47 20.52
CA ASP A 233 -21.40 3.53 20.88
C ASP A 233 -22.03 4.19 19.66
N VAL A 234 -21.36 4.16 18.52
CA VAL A 234 -21.95 4.70 17.29
C VAL A 234 -23.09 3.83 16.81
N VAL A 235 -22.92 2.50 16.85
CA VAL A 235 -23.93 1.60 16.32
C VAL A 235 -25.20 1.63 17.17
N GLU A 236 -25.05 1.76 18.48
CA GLU A 236 -26.16 1.66 19.41
C GLU A 236 -27.00 2.93 19.49
N LEU A 237 -26.92 3.82 18.51
CA LEU A 237 -27.82 4.96 18.44
C LEU A 237 -28.65 5.02 17.17
N LEU A 238 -28.24 4.34 16.10
CA LEU A 238 -29.05 4.32 14.89
C LEU A 238 -30.24 3.37 14.98
N LEU A 239 -30.26 2.47 15.96
CA LEU A 239 -31.38 1.56 16.12
C LEU A 239 -32.64 2.27 16.59
N SER A 240 -32.51 3.46 17.15
CA SER A 240 -33.64 4.25 17.61
C SER A 240 -34.28 5.06 16.49
N HIS A 241 -33.74 5.00 15.28
CA HIS A 241 -34.27 5.78 14.16
C HIS A 241 -35.62 5.27 13.67
N ALA A 242 -36.06 4.10 14.12
CA ALA A 242 -37.36 3.48 13.87
C ALA A 242 -37.56 3.06 12.41
N ASP A 243 -36.59 3.27 11.53
CA ASP A 243 -36.68 2.82 10.15
C ASP A 243 -35.65 1.74 9.83
N CYS A 244 -34.97 1.22 10.83
CA CYS A 244 -33.89 0.25 10.63
C CYS A 244 -34.40 -1.17 10.44
N ASP A 245 -35.70 -1.41 10.65
CA ASP A 245 -36.32 -2.73 10.57
C ASP A 245 -35.63 -3.64 11.59
N ARG A 246 -35.44 -4.91 11.27
CA ARG A 246 -34.84 -5.85 12.22
C ARG A 246 -33.61 -6.56 11.70
N ARG A 247 -33.60 -6.95 10.42
CA ARG A 247 -32.45 -7.67 9.89
C ARG A 247 -31.20 -6.79 9.87
N SER A 248 -31.37 -5.50 9.58
CA SER A 248 -30.24 -4.57 9.61
C SER A 248 -29.68 -4.45 11.02
N ARG A 249 -30.54 -4.38 12.03
CA ARG A 249 -30.07 -4.35 13.41
C ARG A 249 -29.28 -5.60 13.75
N ILE A 250 -29.79 -6.77 13.34
CA ILE A 250 -29.14 -8.03 13.67
C ILE A 250 -27.77 -8.12 13.00
N GLU A 251 -27.70 -7.75 11.72
CA GLU A 251 -26.41 -7.84 11.04
C GLU A 251 -25.44 -6.80 11.56
N ALA A 252 -25.92 -5.64 12.00
CA ALA A 252 -25.04 -4.67 12.64
C ALA A 252 -24.47 -5.21 13.94
N LEU A 253 -25.31 -5.82 14.77
CA LEU A 253 -24.84 -6.37 16.04
C LEU A 253 -23.86 -7.51 15.81
N GLU A 254 -24.16 -8.40 14.85
CA GLU A 254 -23.26 -9.52 14.57
C GLU A 254 -21.93 -9.04 14.02
N LEU A 255 -21.94 -8.05 13.13
CA LEU A 255 -20.69 -7.51 12.62
C LEU A 255 -19.89 -6.80 13.71
N LEU A 256 -20.58 -6.11 14.62
CA LEU A 256 -19.88 -5.47 15.73
C LEU A 256 -19.24 -6.50 16.63
N GLY A 257 -19.95 -7.57 16.95
CA GLY A 257 -19.35 -8.64 17.73
C GLY A 257 -18.17 -9.28 17.03
N ALA A 258 -18.29 -9.49 15.72
CA ALA A 258 -17.19 -10.04 14.93
C ALA A 258 -15.96 -9.14 15.00
N SER A 259 -16.15 -7.85 14.71
CA SER A 259 -15.04 -6.91 14.70
C SER A 259 -14.42 -6.72 16.08
N PHE A 260 -15.22 -6.86 17.14
CA PHE A 260 -14.65 -6.85 18.48
C PHE A 260 -13.84 -8.11 18.75
N ALA A 261 -14.26 -9.25 18.17
CA ALA A 261 -13.55 -10.50 18.43
C ALA A 261 -12.13 -10.46 17.91
N ASN A 262 -11.93 -9.92 16.71
CA ASN A 262 -10.64 -9.99 16.01
C ASN A 262 -10.17 -8.60 15.56
N ASP A 263 -9.56 -7.87 16.48
CA ASP A 263 -9.05 -6.54 16.17
C ASP A 263 -7.86 -6.28 17.07
N ARG A 264 -7.01 -5.35 16.65
CA ARG A 264 -5.76 -5.11 17.37
C ARG A 264 -5.95 -4.12 18.52
N GLU A 265 -6.44 -2.91 18.20
CA GLU A 265 -6.50 -1.86 19.21
C GLU A 265 -7.54 -2.17 20.27
N ASN A 266 -8.81 -2.29 19.87
CA ASN A 266 -9.88 -2.60 20.82
C ASN A 266 -10.29 -4.07 20.69
N TYR A 267 -9.45 -4.91 21.30
CA TYR A 267 -9.68 -6.36 21.35
C TYR A 267 -10.42 -6.66 22.64
N ASP A 268 -11.67 -7.10 22.53
CA ASP A 268 -12.50 -7.41 23.67
C ASP A 268 -13.01 -8.85 23.56
N ILE A 269 -13.26 -9.46 24.72
CA ILE A 269 -13.89 -10.77 24.80
C ILE A 269 -15.23 -10.71 25.52
N ILE A 270 -15.28 -9.98 26.64
CA ILE A 270 -16.56 -9.80 27.34
C ILE A 270 -17.52 -9.02 26.46
N LYS A 271 -17.04 -7.95 25.84
CA LYS A 271 -17.88 -7.18 24.91
C LYS A 271 -18.24 -8.00 23.68
N THR A 272 -17.29 -8.79 23.18
CA THR A 272 -17.56 -9.60 22.00
C THR A 272 -18.69 -10.60 22.25
N TYR A 273 -18.57 -11.37 23.34
CA TYR A 273 -19.62 -12.33 23.65
C TYR A 273 -20.91 -11.63 24.05
N HIS A 274 -20.82 -10.49 24.71
CA HIS A 274 -22.03 -9.75 25.08
C HIS A 274 -22.81 -9.34 23.85
N TYR A 275 -22.13 -8.77 22.84
CA TYR A 275 -22.83 -8.32 21.65
C TYR A 275 -23.27 -9.49 20.79
N LEU A 276 -22.46 -10.55 20.69
CA LEU A 276 -22.85 -11.73 19.93
C LEU A 276 -24.08 -12.38 20.54
N TYR A 277 -24.13 -12.48 21.87
CA TYR A 277 -25.29 -13.05 22.53
C TYR A 277 -26.51 -12.15 22.42
N LEU A 278 -26.31 -10.82 22.43
CA LEU A 278 -27.45 -9.94 22.17
C LEU A 278 -28.01 -10.17 20.79
N ALA A 279 -27.14 -10.30 19.79
CA ALA A 279 -27.60 -10.52 18.42
C ALA A 279 -28.33 -11.86 18.31
N MET A 280 -27.75 -12.92 18.87
CA MET A 280 -28.39 -14.23 18.81
C MET A 280 -29.70 -14.24 19.59
N LEU A 281 -29.75 -13.54 20.72
CA LEU A 281 -30.98 -13.44 21.49
C LEU A 281 -32.08 -12.79 20.67
N GLU A 282 -31.78 -11.61 20.10
CA GLU A 282 -32.77 -10.92 19.27
C GLU A 282 -33.14 -11.73 18.04
N ARG A 283 -32.24 -12.62 17.59
CA ARG A 283 -32.58 -13.53 16.50
C ARG A 283 -33.59 -14.58 16.95
N PHE A 284 -33.37 -15.19 18.11
CA PHE A 284 -34.10 -16.39 18.52
C PHE A 284 -35.17 -16.12 19.56
N GLN A 285 -35.48 -14.85 19.87
CA GLN A 285 -36.50 -14.54 20.86
C GLN A 285 -37.83 -14.16 20.24
N ASP A 286 -37.98 -14.27 18.92
CA ASP A 286 -39.17 -13.75 18.26
C ASP A 286 -40.42 -14.53 18.68
N GLY A 287 -40.30 -15.84 18.83
CA GLY A 287 -41.38 -16.69 19.30
C GLY A 287 -42.13 -17.40 18.21
N ASP A 288 -42.44 -16.69 17.12
CA ASP A 288 -43.02 -17.32 15.93
C ASP A 288 -41.86 -17.95 15.16
N ASN A 289 -41.54 -19.18 15.56
CA ASN A 289 -40.31 -19.86 15.18
C ASN A 289 -39.10 -18.98 15.52
N ILE A 290 -38.24 -18.72 14.55
CA ILE A 290 -36.99 -18.00 14.76
C ILE A 290 -36.80 -17.01 13.62
N LEU A 291 -35.65 -16.32 13.64
CA LEU A 291 -35.19 -15.49 12.53
C LEU A 291 -33.82 -16.06 12.16
N GLU A 292 -33.83 -17.07 11.30
CA GLU A 292 -32.64 -17.86 11.02
C GLU A 292 -31.71 -17.11 10.08
N LYS A 293 -30.47 -17.58 10.00
CA LYS A 293 -29.46 -17.00 9.11
C LYS A 293 -28.80 -18.09 8.29
N GLU A 294 -28.52 -17.77 7.03
CA GLU A 294 -27.79 -18.68 6.14
C GLU A 294 -26.33 -18.64 6.53
N VAL A 295 -25.72 -19.82 6.70
CA VAL A 295 -24.37 -19.93 7.21
C VAL A 295 -23.51 -20.67 6.20
N LEU A 296 -22.30 -20.14 5.96
CA LEU A 296 -21.36 -20.74 5.04
C LEU A 296 -20.94 -22.12 5.55
N PRO A 297 -20.53 -23.00 4.65
CA PRO A 297 -20.08 -24.34 5.06
C PRO A 297 -18.84 -24.24 5.93
N PRO A 298 -18.58 -25.26 6.78
CA PRO A 298 -17.39 -25.24 7.63
C PRO A 298 -16.10 -24.99 6.87
N ILE A 299 -15.46 -23.86 7.16
CA ILE A 299 -14.24 -23.48 6.47
C ILE A 299 -13.06 -24.15 7.18
N HIS A 300 -12.19 -24.80 6.41
CA HIS A 300 -11.09 -25.56 6.99
C HIS A 300 -10.10 -24.66 7.72
N ALA A 301 -10.03 -23.38 7.34
CA ALA A 301 -9.12 -22.47 8.03
C ALA A 301 -9.50 -22.30 9.49
N TYR A 302 -10.78 -22.13 9.77
CA TYR A 302 -11.27 -21.99 11.14
C TYR A 302 -11.71 -23.33 11.72
N GLY A 303 -10.81 -24.33 11.64
CA GLY A 303 -11.15 -25.65 12.13
C GLY A 303 -12.30 -26.27 11.36
N ASN A 304 -13.24 -26.85 12.09
CA ASN A 304 -14.44 -27.44 11.50
C ASN A 304 -15.68 -26.86 12.17
N ARG A 305 -15.72 -25.54 12.31
CA ARG A 305 -16.78 -24.88 13.07
C ARG A 305 -17.82 -24.32 12.11
N THR A 306 -19.08 -24.72 12.29
CA THR A 306 -20.20 -24.18 11.51
C THR A 306 -20.84 -23.09 12.34
N GLU A 307 -20.00 -22.17 12.81
CA GLU A 307 -20.36 -21.00 13.59
C GLU A 307 -21.23 -21.47 14.76
N CYS A 308 -22.43 -20.92 14.96
CA CYS A 308 -23.22 -21.22 16.16
C CYS A 308 -24.69 -20.99 15.87
N ARG A 309 -25.49 -22.06 15.86
CA ARG A 309 -26.93 -21.95 15.59
C ARG A 309 -27.73 -22.63 16.69
N ASN A 310 -27.43 -22.34 17.96
CA ASN A 310 -28.03 -23.08 19.05
C ASN A 310 -27.79 -22.27 20.32
N PRO A 311 -28.80 -22.12 21.19
CA PRO A 311 -28.56 -21.42 22.46
C PRO A 311 -27.48 -22.05 23.33
N GLN A 312 -27.28 -23.37 23.25
CA GLN A 312 -26.26 -24.07 24.01
C GLN A 312 -24.93 -24.12 23.25
N GLU A 313 -24.86 -23.47 22.09
CA GLU A 313 -23.63 -23.40 21.32
C GLU A 313 -22.90 -22.08 21.47
N LEU A 314 -23.58 -21.03 21.94
CA LEU A 314 -22.90 -19.81 22.33
C LEU A 314 -22.64 -19.75 23.83
N GLU A 315 -23.52 -20.35 24.63
CA GLU A 315 -23.28 -20.45 26.06
C GLU A 315 -22.10 -21.34 26.37
N SER A 316 -21.73 -22.24 25.45
CA SER A 316 -20.62 -23.15 25.67
C SER A 316 -19.32 -22.68 25.03
N ILE A 317 -19.29 -21.53 24.37
CA ILE A 317 -18.06 -20.96 23.87
C ILE A 317 -17.81 -19.56 24.42
N ARG A 318 -18.52 -19.17 25.47
CA ARG A 318 -18.18 -17.97 26.22
C ARG A 318 -16.80 -18.08 26.85
N GLN A 319 -16.43 -19.27 27.30
CA GLN A 319 -15.25 -19.54 28.10
C GLN A 319 -14.03 -19.92 27.28
N ASP A 320 -14.11 -19.83 25.96
CA ASP A 320 -12.99 -20.12 25.07
C ASP A 320 -12.68 -18.89 24.24
N ARG A 321 -11.40 -18.56 24.11
CA ARG A 321 -10.99 -17.40 23.33
C ARG A 321 -10.66 -17.72 21.89
N ASP A 322 -10.13 -18.92 21.61
CA ASP A 322 -9.92 -19.31 20.22
C ASP A 322 -11.24 -19.52 19.50
N ALA A 323 -12.24 -20.08 20.19
CA ALA A 323 -13.55 -20.27 19.60
C ALA A 323 -14.20 -18.93 19.27
N LEU A 324 -14.03 -17.93 20.14
CA LEU A 324 -14.59 -16.62 19.84
C LEU A 324 -13.93 -15.99 18.63
N HIS A 325 -12.60 -16.14 18.50
CA HIS A 325 -11.92 -15.63 17.31
C HIS A 325 -12.43 -16.32 16.05
N MET A 326 -12.57 -17.64 16.09
CA MET A 326 -13.04 -18.36 14.92
C MET A 326 -14.46 -17.95 14.55
N GLU A 327 -15.34 -17.84 15.55
CA GLU A 327 -16.71 -17.45 15.27
C GLU A 327 -16.79 -16.03 14.74
N GLY A 328 -16.01 -15.11 15.31
CA GLY A 328 -16.00 -13.75 14.81
C GLY A 328 -15.53 -13.68 13.37
N LEU A 329 -14.46 -14.43 13.04
CA LEU A 329 -14.01 -14.50 11.66
C LEU A 329 -15.10 -15.04 10.75
N ILE A 330 -15.82 -16.08 11.19
CA ILE A 330 -16.83 -16.70 10.34
C ILE A 330 -17.98 -15.75 10.09
N VAL A 331 -18.49 -15.08 11.13
CA VAL A 331 -19.62 -14.18 10.92
C VAL A 331 -19.20 -12.95 10.12
N ARG A 332 -17.98 -12.44 10.35
CA ARG A 332 -17.50 -11.32 9.56
C ARG A 332 -17.34 -11.71 8.09
N GLU A 333 -16.94 -12.95 7.83
CA GLU A 333 -16.85 -13.41 6.45
C GLU A 333 -18.21 -13.56 5.81
N ARG A 334 -19.18 -14.12 6.54
CA ARG A 334 -20.49 -14.37 5.95
C ARG A 334 -21.28 -13.07 5.80
N ILE A 335 -20.92 -12.04 6.56
CA ILE A 335 -21.58 -10.75 6.41
C ILE A 335 -20.93 -9.93 5.30
N LEU A 336 -19.60 -9.81 5.34
CA LEU A 336 -18.88 -9.01 4.36
C LEU A 336 -18.58 -9.76 3.07
N GLY A 337 -18.92 -11.04 2.98
CA GLY A 337 -18.60 -11.81 1.79
C GLY A 337 -17.11 -12.11 1.71
N ALA A 338 -16.59 -12.01 0.50
CA ALA A 338 -15.16 -12.21 0.26
C ALA A 338 -14.52 -11.13 -0.60
N ASP A 339 -15.30 -10.29 -1.28
CA ASP A 339 -14.77 -9.28 -2.19
C ASP A 339 -14.65 -7.91 -1.53
N ASN A 340 -14.94 -7.80 -0.24
CA ASN A 340 -14.81 -6.52 0.43
C ASN A 340 -13.35 -6.22 0.74
N ILE A 341 -13.06 -4.93 0.90
CA ILE A 341 -11.67 -4.49 1.07
C ILE A 341 -11.12 -4.93 2.42
N ASP A 342 -11.89 -4.75 3.48
CA ASP A 342 -11.38 -4.93 4.84
C ASP A 342 -11.95 -6.19 5.48
N VAL A 343 -12.11 -7.25 4.71
CA VAL A 343 -12.53 -8.53 5.25
C VAL A 343 -11.35 -9.44 5.57
N SER A 344 -10.20 -9.24 4.94
CA SER A 344 -9.05 -10.12 5.12
C SER A 344 -8.10 -9.63 6.21
N HIS A 345 -8.11 -8.35 6.54
CA HIS A 345 -7.19 -7.83 7.54
C HIS A 345 -7.36 -8.45 8.92
N PRO A 346 -8.57 -8.63 9.47
CA PRO A 346 -8.66 -9.36 10.74
C PRO A 346 -8.16 -10.78 10.66
N ILE A 347 -8.32 -11.45 9.52
CA ILE A 347 -7.76 -12.78 9.33
C ILE A 347 -6.24 -12.72 9.42
N ILE A 348 -5.64 -11.72 8.77
CA ILE A 348 -4.20 -11.57 8.81
C ILE A 348 -3.70 -11.31 10.22
N TYR A 349 -4.41 -10.44 10.95
CA TYR A 349 -3.99 -10.14 12.32
C TYR A 349 -4.13 -11.35 13.23
N ARG A 350 -5.21 -12.12 13.08
CA ARG A 350 -5.37 -13.32 13.88
C ARG A 350 -4.31 -14.36 13.55
N GLY A 351 -3.95 -14.48 12.27
CA GLY A 351 -2.84 -15.34 11.91
C GLY A 351 -1.53 -14.89 12.52
N ALA A 352 -1.30 -13.57 12.55
CA ALA A 352 -0.09 -13.06 13.18
C ALA A 352 -0.05 -13.37 14.66
N VAL A 353 -1.18 -13.21 15.35
CA VAL A 353 -1.24 -13.54 16.77
C VAL A 353 -0.99 -15.02 16.99
N TYR A 354 -1.58 -15.88 16.14
CA TYR A 354 -1.40 -17.31 16.29
C TYR A 354 0.04 -17.72 16.02
N ALA A 355 0.70 -17.04 15.09
CA ALA A 355 2.13 -17.26 14.89
C ALA A 355 2.93 -16.82 16.11
N ASP A 356 2.53 -15.70 16.71
CA ASP A 356 3.27 -15.18 17.86
C ASP A 356 3.21 -16.13 19.04
N ASN A 357 2.04 -16.71 19.31
CA ASN A 357 1.89 -17.63 20.45
C ASN A 357 2.05 -19.09 20.04
N MET A 358 2.82 -19.36 18.97
CA MET A 358 3.26 -20.70 18.58
C MET A 358 2.07 -21.61 18.27
N GLU A 359 1.29 -21.21 17.28
CA GLU A 359 0.23 -22.00 16.69
C GLU A 359 0.37 -22.02 15.18
N PHE A 360 1.58 -22.40 14.74
CA PHE A 360 2.01 -22.18 13.36
C PHE A 360 1.05 -22.80 12.34
N GLU A 361 0.48 -23.96 12.65
CA GLU A 361 -0.42 -24.60 11.70
C GLU A 361 -1.68 -23.77 11.47
N GLN A 362 -2.28 -23.28 12.55
CA GLN A 362 -3.47 -22.45 12.40
C GLN A 362 -3.13 -21.10 11.76
N CYS A 363 -1.94 -20.57 12.05
CA CYS A 363 -1.46 -19.39 11.32
C CYS A 363 -1.42 -19.65 9.83
N ILE A 364 -0.89 -20.80 9.43
CA ILE A 364 -0.80 -21.12 8.01
C ILE A 364 -2.18 -21.25 7.40
N LYS A 365 -3.10 -21.94 8.07
CA LYS A 365 -4.44 -22.09 7.53
C LYS A 365 -5.13 -20.74 7.36
N LEU A 366 -5.07 -19.89 8.39
CA LEU A 366 -5.73 -18.59 8.31
C LEU A 366 -5.10 -17.71 7.25
N TRP A 367 -3.77 -17.74 7.13
CA TRP A 367 -3.12 -16.85 6.18
C TRP A 367 -3.25 -17.33 4.74
N LEU A 368 -3.30 -18.64 4.48
CA LEU A 368 -3.71 -19.10 3.15
C LEU A 368 -5.14 -18.71 2.83
N HIS A 369 -6.04 -18.77 3.81
CA HIS A 369 -7.39 -18.28 3.54
C HIS A 369 -7.39 -16.79 3.22
N ALA A 370 -6.56 -16.02 3.93
CA ALA A 370 -6.46 -14.60 3.67
C ALA A 370 -5.91 -14.31 2.28
N LEU A 371 -4.87 -15.04 1.85
CA LEU A 371 -4.35 -14.81 0.51
C LEU A 371 -5.37 -15.25 -0.55
N HIS A 372 -6.13 -16.32 -0.30
CA HIS A 372 -7.15 -16.71 -1.26
C HIS A 372 -8.23 -15.65 -1.39
N LEU A 373 -8.66 -15.09 -0.25
CA LEU A 373 -9.66 -14.02 -0.29
C LEU A 373 -9.12 -12.79 -1.01
N ARG A 374 -7.85 -12.46 -0.79
CA ARG A 374 -7.27 -11.29 -1.44
C ARG A 374 -7.03 -11.52 -2.93
N GLN A 375 -6.74 -12.76 -3.33
CA GLN A 375 -6.63 -13.09 -4.74
C GLN A 375 -7.98 -13.06 -5.44
N LYS A 376 -9.05 -13.43 -4.74
CA LYS A 376 -10.38 -13.27 -5.30
C LYS A 376 -10.68 -11.80 -5.54
N GLY A 377 -10.31 -10.94 -4.59
CA GLY A 377 -10.49 -9.51 -4.76
C GLY A 377 -9.40 -8.82 -5.55
N ASN A 378 -8.32 -9.53 -5.87
CA ASN A 378 -7.20 -8.99 -6.66
C ASN A 378 -6.59 -7.75 -6.01
N ARG A 379 -6.28 -7.86 -4.73
CA ARG A 379 -5.64 -6.76 -4.00
C ARG A 379 -4.12 -6.90 -4.09
N ASN A 380 -3.41 -6.11 -3.30
CA ASN A 380 -1.95 -6.07 -3.34
C ASN A 380 -1.39 -7.04 -2.32
N THR A 381 -1.12 -8.26 -2.76
CA THR A 381 -0.49 -9.28 -1.90
C THR A 381 1.00 -9.35 -2.17
N HIS A 382 1.70 -8.26 -1.86
CA HIS A 382 3.16 -8.27 -1.90
C HIS A 382 3.79 -8.38 -0.52
N LYS A 383 3.16 -7.80 0.50
CA LYS A 383 3.59 -7.99 1.88
C LYS A 383 3.19 -9.34 2.44
N ASP A 384 2.08 -9.91 1.96
CA ASP A 384 1.59 -11.17 2.51
C ASP A 384 2.57 -12.31 2.23
N LEU A 385 3.11 -12.36 1.02
CA LEU A 385 4.10 -13.39 0.69
C LEU A 385 5.38 -13.19 1.50
N LEU A 386 5.75 -11.94 1.78
CA LEU A 386 6.89 -11.67 2.64
C LEU A 386 6.65 -12.19 4.05
N ARG A 387 5.43 -12.00 4.57
CA ARG A 387 5.12 -12.52 5.89
C ARG A 387 5.11 -14.05 5.90
N PHE A 388 4.68 -14.67 4.81
CA PHE A 388 4.81 -16.12 4.69
C PHE A 388 6.27 -16.56 4.71
N ALA A 389 7.13 -15.83 3.99
CA ALA A 389 8.55 -16.17 4.00
C ALA A 389 9.12 -16.06 5.40
N GLN A 390 8.73 -15.01 6.13
CA GLN A 390 9.20 -14.86 7.51
C GLN A 390 8.69 -15.98 8.41
N VAL A 391 7.42 -16.35 8.28
CA VAL A 391 6.86 -17.40 9.12
C VAL A 391 7.53 -18.75 8.81
N PHE A 392 7.74 -19.06 7.54
CA PHE A 392 8.39 -20.31 7.17
C PHE A 392 9.85 -20.33 7.62
N SER A 393 10.54 -19.20 7.53
CA SER A 393 11.91 -19.15 8.04
C SER A 393 11.95 -19.35 9.54
N GLN A 394 10.98 -18.79 10.26
CA GLN A 394 10.88 -19.03 11.69
C GLN A 394 10.56 -20.50 11.98
N MET A 395 9.76 -21.13 11.12
CA MET A 395 9.49 -22.56 11.26
C MET A 395 10.76 -23.37 11.11
N ILE A 396 11.55 -23.09 10.08
CA ILE A 396 12.78 -23.85 9.84
C ILE A 396 13.80 -23.59 10.94
N HIS A 397 13.89 -22.34 11.40
CA HIS A 397 14.79 -22.02 12.50
C HIS A 397 14.37 -22.70 13.79
N LEU A 398 13.10 -23.08 13.92
CA LEU A 398 12.62 -23.84 15.07
C LEU A 398 12.60 -25.34 14.83
N ASN A 399 13.19 -25.80 13.71
CA ASN A 399 13.28 -27.22 13.37
C ASN A 399 11.90 -27.87 13.30
N GLU A 400 10.95 -27.16 12.71
CA GLU A 400 9.58 -27.66 12.55
C GLU A 400 9.36 -28.05 11.10
N THR A 401 8.85 -29.27 10.89
CA THR A 401 8.57 -29.77 9.55
C THR A 401 7.39 -29.02 8.97
N VAL A 402 7.67 -28.03 8.12
CA VAL A 402 6.61 -27.27 7.47
C VAL A 402 5.91 -28.17 6.44
N LYS A 403 4.59 -28.11 6.43
CA LYS A 403 3.80 -28.92 5.50
C LYS A 403 4.06 -28.48 4.07
N ALA A 404 4.24 -29.46 3.20
CA ALA A 404 4.61 -29.20 1.81
C ALA A 404 3.44 -28.74 0.94
N PRO A 405 2.19 -29.27 1.09
CA PRO A 405 1.07 -28.68 0.35
C PRO A 405 0.87 -27.20 0.62
N ASP A 406 1.12 -26.76 1.85
CA ASP A 406 1.03 -25.34 2.17
C ASP A 406 2.06 -24.54 1.38
N ILE A 407 3.30 -25.03 1.31
CA ILE A 407 4.32 -24.37 0.53
C ILE A 407 3.97 -24.37 -0.95
N GLU A 408 3.39 -25.46 -1.46
CA GLU A 408 2.95 -25.51 -2.84
C GLU A 408 1.88 -24.48 -3.13
N CYS A 409 0.90 -24.33 -2.24
CA CYS A 409 -0.15 -23.34 -2.43
C CYS A 409 0.41 -21.93 -2.38
N VAL A 410 1.33 -21.68 -1.43
CA VAL A 410 1.94 -20.36 -1.30
C VAL A 410 2.72 -20.03 -2.55
N LEU A 411 3.47 -21.00 -3.09
CA LEU A 411 4.23 -20.77 -4.31
C LEU A 411 3.32 -20.56 -5.51
N ARG A 412 2.22 -21.30 -5.59
CA ARG A 412 1.28 -21.11 -6.69
C ARG A 412 0.67 -19.72 -6.67
N CYS A 413 0.25 -19.27 -5.49
CA CYS A 413 -0.25 -17.91 -5.41
C CYS A 413 0.85 -16.87 -5.58
N SER A 414 2.10 -17.22 -5.27
CA SER A 414 3.21 -16.31 -5.52
C SER A 414 3.45 -16.12 -7.01
N VAL A 415 3.41 -17.21 -7.78
CA VAL A 415 3.60 -17.07 -9.23
C VAL A 415 2.40 -16.39 -9.87
N LEU A 416 1.18 -16.68 -9.37
CA LEU A 416 0.02 -15.96 -9.88
C LEU A 416 0.11 -14.46 -9.59
N GLU A 417 0.55 -14.10 -8.38
CA GLU A 417 0.71 -12.70 -8.04
C GLU A 417 1.85 -12.05 -8.81
N ILE A 418 2.91 -12.80 -9.14
CA ILE A 418 3.98 -12.22 -9.95
C ILE A 418 3.50 -11.95 -11.36
N GLU A 419 2.68 -12.85 -11.92
CA GLU A 419 2.07 -12.59 -13.22
C GLU A 419 1.15 -11.37 -13.15
N GLN A 420 0.37 -11.26 -12.06
CA GLN A 420 -0.47 -10.08 -11.88
C GLN A 420 0.36 -8.81 -11.79
N SER A 421 1.49 -8.87 -11.10
CA SER A 421 2.37 -7.72 -10.98
C SER A 421 2.97 -7.33 -12.33
N MET A 422 3.32 -8.33 -13.15
CA MET A 422 3.81 -8.05 -14.49
C MET A 422 2.74 -7.37 -15.33
N ASN A 423 1.49 -7.83 -15.21
CA ASN A 423 0.39 -7.16 -15.89
C ASN A 423 0.21 -5.73 -15.39
N ARG A 424 0.33 -5.52 -14.08
CA ARG A 424 0.20 -4.18 -13.52
C ARG A 424 1.30 -3.25 -14.02
N VAL A 425 2.52 -3.76 -14.10
CA VAL A 425 3.63 -2.97 -14.66
C VAL A 425 3.37 -2.64 -16.12
N LYS A 426 2.86 -3.61 -16.87
CA LYS A 426 2.49 -3.36 -18.26
C LYS A 426 1.31 -2.41 -18.41
N ASN A 427 0.52 -2.21 -17.35
CA ASN A 427 -0.63 -1.32 -17.40
C ASN A 427 -0.33 0.08 -16.86
N ILE A 428 0.32 0.18 -15.70
CA ILE A 428 0.57 1.47 -15.06
C ILE A 428 1.75 2.11 -15.78
N SER A 429 1.45 3.08 -16.65
CA SER A 429 2.47 3.72 -17.46
C SER A 429 3.48 4.51 -16.64
N ASP A 430 3.03 5.59 -16.00
CA ASP A 430 3.95 6.46 -15.28
C ASP A 430 3.44 6.95 -13.92
N ALA A 431 2.17 6.76 -13.59
CA ALA A 431 1.65 7.27 -12.32
C ALA A 431 2.32 6.60 -11.13
N ASP A 432 2.50 5.29 -11.20
CA ASP A 432 3.15 4.54 -10.12
C ASP A 432 4.09 3.49 -10.69
N VAL A 433 4.89 3.88 -11.69
CA VAL A 433 5.80 2.92 -12.32
C VAL A 433 6.89 2.49 -11.36
N HIS A 434 7.42 3.42 -10.56
CA HIS A 434 8.44 3.06 -9.59
C HIS A 434 7.87 2.20 -8.48
N ASN A 435 6.65 2.52 -8.03
CA ASN A 435 5.99 1.70 -7.02
C ASN A 435 5.70 0.30 -7.54
N ALA A 436 5.25 0.21 -8.79
CA ALA A 436 4.97 -1.10 -9.38
C ALA A 436 6.26 -1.92 -9.52
N MET A 437 7.34 -1.28 -9.95
CA MET A 437 8.61 -2.00 -10.09
C MET A 437 9.14 -2.44 -8.73
N ASP A 438 8.97 -1.60 -7.69
CA ASP A 438 9.39 -2.00 -6.36
C ASP A 438 8.57 -3.18 -5.85
N ASN A 439 7.26 -3.16 -6.09
CA ASN A 439 6.42 -4.29 -5.71
C ASN A 439 6.84 -5.56 -6.47
N TYR A 440 7.17 -5.41 -7.75
CA TYR A 440 7.60 -6.55 -8.56
C TYR A 440 8.89 -7.15 -8.04
N GLU A 441 9.87 -6.29 -7.71
CA GLU A 441 11.13 -6.78 -7.15
C GLU A 441 10.91 -7.45 -5.80
N CYS A 442 10.03 -6.87 -4.97
CA CYS A 442 9.73 -7.48 -3.68
C CYS A 442 9.08 -8.85 -3.86
N ASN A 443 8.19 -8.97 -4.84
CA ASN A 443 7.54 -10.26 -5.09
C ASN A 443 8.55 -11.30 -5.57
N LEU A 444 9.47 -10.90 -6.44
CA LEU A 444 10.50 -11.84 -6.88
C LEU A 444 11.38 -12.27 -5.71
N TYR A 445 11.75 -11.33 -4.84
CA TYR A 445 12.56 -11.68 -3.68
C TYR A 445 11.81 -12.63 -2.75
N THR A 446 10.51 -12.40 -2.56
CA THR A 446 9.73 -13.30 -1.72
C THR A 446 9.63 -14.69 -2.34
N PHE A 447 9.48 -14.77 -3.67
CA PHE A 447 9.46 -16.07 -4.31
C PHE A 447 10.78 -16.79 -4.12
N LEU A 448 11.90 -16.06 -4.21
CA LEU A 448 13.20 -16.67 -3.96
C LEU A 448 13.33 -17.15 -2.52
N TYR A 449 12.79 -16.37 -1.56
CA TYR A 449 12.81 -16.83 -0.17
C TYR A 449 12.01 -18.11 -0.01
N LEU A 450 10.84 -18.18 -0.66
CA LEU A 450 10.04 -19.40 -0.61
C LEU A 450 10.78 -20.58 -1.24
N VAL A 451 11.51 -20.33 -2.33
CA VAL A 451 12.29 -21.38 -2.96
C VAL A 451 13.37 -21.89 -2.01
N CYS A 452 14.07 -20.96 -1.35
CA CYS A 452 15.11 -21.36 -0.41
C CYS A 452 14.54 -22.11 0.78
N ILE A 453 13.37 -21.72 1.25
CA ILE A 453 12.70 -22.47 2.32
C ILE A 453 12.33 -23.86 1.82
N SER A 454 11.90 -23.96 0.57
CA SER A 454 11.57 -25.26 -0.02
C SER A 454 12.79 -26.17 -0.06
N THR A 455 13.96 -25.61 -0.39
CA THR A 455 15.19 -26.41 -0.35
C THR A 455 15.57 -26.83 1.06
N LYS A 456 15.08 -26.13 2.07
CA LYS A 456 15.40 -26.43 3.47
C LYS A 456 14.44 -27.44 4.09
N THR A 457 13.46 -27.94 3.32
CA THR A 457 12.48 -28.90 3.83
C THR A 457 12.58 -30.20 3.06
N GLN A 458 12.50 -31.31 3.79
CA GLN A 458 12.57 -32.64 3.19
C GLN A 458 11.15 -33.07 2.82
N CYS A 459 10.77 -32.79 1.58
CA CYS A 459 9.46 -33.18 1.08
C CYS A 459 9.54 -34.54 0.41
N SER A 460 8.36 -35.10 0.12
CA SER A 460 8.26 -36.40 -0.54
C SER A 460 8.53 -36.23 -2.04
N GLU A 461 8.33 -37.29 -2.81
CA GLU A 461 8.57 -37.23 -4.25
C GLU A 461 7.52 -36.37 -4.94
N GLU A 462 6.24 -36.58 -4.62
CA GLU A 462 5.18 -35.84 -5.27
C GLU A 462 5.22 -34.36 -4.88
N ASP A 463 5.48 -34.06 -3.61
CA ASP A 463 5.56 -32.67 -3.17
C ASP A 463 6.70 -31.94 -3.85
N GLN A 464 7.87 -32.59 -3.93
CA GLN A 464 9.00 -31.97 -4.61
C GLN A 464 8.72 -31.78 -6.09
N CYS A 465 8.02 -32.74 -6.71
CA CYS A 465 7.65 -32.60 -8.11
C CYS A 465 6.69 -31.43 -8.31
N LYS A 466 5.76 -31.22 -7.38
CA LYS A 466 4.83 -30.09 -7.52
C LYS A 466 5.54 -28.76 -7.33
N ILE A 467 6.47 -28.69 -6.37
CA ILE A 467 7.28 -27.48 -6.21
C ILE A 467 8.08 -27.22 -7.47
N ASN A 468 8.66 -28.27 -8.04
CA ASN A 468 9.40 -28.13 -9.29
C ASN A 468 8.50 -27.65 -10.41
N LYS A 469 7.25 -28.11 -10.45
CA LYS A 469 6.32 -27.66 -11.48
C LYS A 469 6.01 -26.18 -11.33
N GLN A 470 5.79 -25.72 -10.11
CA GLN A 470 5.52 -24.29 -9.90
C GLN A 470 6.73 -23.44 -10.29
N ILE A 471 7.93 -23.88 -9.88
CA ILE A 471 9.14 -23.16 -10.25
C ILE A 471 9.35 -23.21 -11.76
N TYR A 472 8.97 -24.33 -12.41
CA TYR A 472 9.05 -24.45 -13.85
C TYR A 472 8.15 -23.42 -14.53
N ASN A 473 6.92 -23.28 -14.03
CA ASN A 473 6.00 -22.30 -14.59
C ASN A 473 6.53 -20.89 -14.45
N LEU A 474 7.04 -20.55 -13.27
CA LEU A 474 7.56 -19.20 -13.08
C LEU A 474 8.85 -18.95 -13.87
N ILE A 475 9.71 -19.96 -14.01
CA ILE A 475 10.91 -19.81 -14.82
C ILE A 475 10.56 -19.58 -16.28
N HIS A 476 9.63 -20.38 -16.82
CA HIS A 476 9.20 -20.16 -18.19
C HIS A 476 8.40 -18.88 -18.34
N LEU A 477 7.91 -18.31 -17.25
CA LEU A 477 7.37 -16.95 -17.32
C LEU A 477 8.48 -15.92 -17.52
N ASP A 478 9.71 -16.25 -17.09
CA ASP A 478 10.92 -15.44 -17.25
C ASP A 478 10.79 -14.05 -16.65
N PRO A 479 10.74 -13.93 -15.33
CA PRO A 479 10.70 -12.59 -14.72
C PRO A 479 12.05 -11.89 -14.84
N ARG A 480 11.99 -10.56 -14.84
CA ARG A 480 13.19 -9.73 -14.92
C ARG A 480 13.00 -8.52 -14.03
N THR A 481 13.98 -8.25 -13.17
CA THR A 481 13.90 -7.11 -12.27
C THR A 481 14.22 -5.84 -13.05
N ARG A 482 14.30 -4.72 -12.34
CA ARG A 482 14.62 -3.45 -13.00
C ARG A 482 16.06 -3.39 -13.48
N GLU A 483 16.95 -4.23 -12.93
CA GLU A 483 18.33 -4.29 -13.36
C GLU A 483 18.57 -5.36 -14.41
N GLY A 484 17.51 -6.05 -14.85
CA GLY A 484 17.64 -7.13 -15.79
C GLY A 484 18.00 -8.47 -15.19
N PHE A 485 18.08 -8.57 -13.87
CA PHE A 485 18.39 -9.84 -13.23
C PHE A 485 17.19 -10.78 -13.35
N THR A 486 17.45 -12.01 -13.77
CA THR A 486 16.41 -13.04 -13.80
C THR A 486 16.34 -13.71 -12.43
N LEU A 487 15.62 -14.83 -12.35
CA LEU A 487 15.61 -15.59 -11.11
C LEU A 487 16.92 -16.30 -10.82
N LEU A 488 17.84 -16.35 -11.80
CA LEU A 488 19.11 -17.00 -11.60
C LEU A 488 20.23 -16.03 -11.22
N HIS A 489 20.20 -14.81 -11.72
CA HIS A 489 21.18 -13.82 -11.27
C HIS A 489 21.01 -13.50 -9.79
N LEU A 490 19.77 -13.39 -9.32
CA LEU A 490 19.53 -13.12 -7.91
C LEU A 490 19.84 -14.33 -7.03
N ALA A 491 19.70 -15.55 -7.53
CA ALA A 491 20.04 -16.72 -6.74
C ALA A 491 21.54 -16.86 -6.53
N VAL A 492 22.36 -16.16 -7.30
CA VAL A 492 23.81 -16.24 -7.15
C VAL A 492 24.42 -14.92 -6.68
N ASN A 493 23.66 -13.82 -6.70
CA ASN A 493 24.17 -12.53 -6.30
C ASN A 493 24.16 -12.41 -4.78
N SER A 494 25.27 -11.96 -4.21
CA SER A 494 25.36 -11.74 -2.77
C SER A 494 24.71 -10.43 -2.34
N ASN A 495 24.33 -9.58 -3.28
CA ASN A 495 23.75 -8.27 -2.98
C ASN A 495 22.24 -8.27 -2.95
N THR A 496 21.60 -9.42 -3.11
CA THR A 496 20.14 -9.48 -3.03
C THR A 496 19.69 -9.30 -1.59
N PRO A 497 18.80 -8.36 -1.32
CA PRO A 497 18.40 -8.12 0.07
C PRO A 497 17.62 -9.30 0.64
N VAL A 498 17.80 -9.50 1.95
CA VAL A 498 17.03 -10.46 2.72
C VAL A 498 16.32 -9.69 3.83
N ASP A 499 15.05 -10.03 4.06
CA ASP A 499 14.24 -9.27 5.00
C ASP A 499 14.82 -9.34 6.40
N ASP A 500 14.68 -8.23 7.14
CA ASP A 500 15.31 -8.11 8.45
C ASP A 500 14.76 -9.09 9.47
N PHE A 501 13.62 -9.70 9.20
CA PHE A 501 13.01 -10.64 10.14
C PHE A 501 13.72 -11.99 9.98
N HIS A 502 13.12 -13.07 10.50
CA HIS A 502 13.77 -14.37 10.59
C HIS A 502 14.30 -14.92 9.27
N THR A 503 13.94 -14.31 8.13
CA THR A 503 14.42 -14.81 6.85
C THR A 503 15.94 -14.72 6.70
N ASN A 504 16.61 -13.89 7.49
CA ASN A 504 18.07 -13.87 7.46
C ASN A 504 18.65 -15.18 7.98
N ASP A 505 17.92 -15.87 8.85
CA ASP A 505 18.45 -17.06 9.50
C ASP A 505 18.33 -18.32 8.64
N VAL A 506 17.60 -18.27 7.53
CA VAL A 506 17.42 -19.45 6.70
C VAL A 506 17.82 -19.14 5.26
N CYS A 507 17.21 -18.11 4.67
CA CYS A 507 17.42 -17.80 3.25
C CYS A 507 18.64 -16.89 3.14
N SER A 508 19.79 -17.50 2.87
CA SER A 508 21.06 -16.79 2.80
C SER A 508 21.63 -16.94 1.39
N PHE A 509 21.33 -15.98 0.53
CA PHE A 509 21.84 -16.00 -0.83
C PHE A 509 23.31 -15.57 -0.86
N PRO A 510 24.12 -16.16 -1.76
CA PRO A 510 23.80 -17.16 -2.77
C PRO A 510 23.63 -18.55 -2.20
N ASN A 511 22.85 -19.40 -2.85
CA ASN A 511 22.65 -20.78 -2.41
C ASN A 511 22.90 -21.72 -3.57
N ALA A 512 23.74 -22.73 -3.34
CA ALA A 512 23.93 -23.77 -4.34
C ALA A 512 22.66 -24.58 -4.51
N LEU A 513 21.92 -24.81 -3.43
CA LEU A 513 20.69 -25.58 -3.50
C LEU A 513 19.62 -24.85 -4.32
N VAL A 514 19.48 -23.55 -4.12
CA VAL A 514 18.49 -22.77 -4.87
C VAL A 514 18.85 -22.76 -6.35
N THR A 515 20.12 -22.54 -6.67
CA THR A 515 20.53 -22.51 -8.07
C THR A 515 20.36 -23.87 -8.73
N LYS A 516 20.70 -24.95 -8.02
CA LYS A 516 20.49 -26.28 -8.58
C LYS A 516 19.01 -26.56 -8.80
N LEU A 517 18.16 -26.13 -7.86
CA LEU A 517 16.72 -26.34 -8.01
C LEU A 517 16.17 -25.55 -9.20
N LEU A 518 16.65 -24.32 -9.39
CA LEU A 518 16.22 -23.53 -10.54
C LEU A 518 16.70 -24.14 -11.84
N LEU A 519 17.95 -24.61 -11.88
CA LEU A 519 18.49 -25.19 -13.11
C LEU A 519 17.84 -26.53 -13.42
N ASP A 520 17.30 -27.21 -12.41
CA ASP A 520 16.51 -28.40 -12.65
C ASP A 520 15.14 -28.08 -13.25
N CYS A 521 14.75 -26.80 -13.26
CA CYS A 521 13.46 -26.37 -13.79
C CYS A 521 13.63 -25.54 -15.06
N GLY A 522 14.66 -25.84 -15.84
CA GLY A 522 14.86 -25.17 -17.11
C GLY A 522 15.16 -23.69 -17.02
N ALA A 523 15.96 -23.28 -16.04
CA ALA A 523 16.32 -21.88 -15.92
C ALA A 523 17.25 -21.46 -17.06
N GLU A 524 17.06 -20.23 -17.53
CA GLU A 524 17.91 -19.68 -18.59
C GLU A 524 19.26 -19.37 -17.99
N VAL A 525 20.20 -20.31 -18.11
CA VAL A 525 21.51 -20.16 -17.49
C VAL A 525 22.31 -19.05 -18.16
N ASN A 526 22.16 -18.90 -19.48
CA ASN A 526 22.86 -17.87 -20.23
C ASN A 526 22.12 -16.53 -20.25
N ALA A 527 21.23 -16.30 -19.28
CA ALA A 527 20.47 -15.07 -19.25
C ALA A 527 21.38 -13.87 -19.03
N VAL A 528 21.03 -12.76 -19.68
CA VAL A 528 21.82 -11.55 -19.67
C VAL A 528 20.95 -10.40 -19.20
N ASP A 529 21.47 -9.59 -18.27
CA ASP A 529 20.76 -8.42 -17.80
C ASP A 529 20.99 -7.25 -18.76
N ASN A 530 20.43 -6.08 -18.41
CA ASN A 530 20.66 -4.90 -19.23
C ASN A 530 22.09 -4.38 -19.10
N GLU A 531 22.79 -4.73 -18.02
CA GLU A 531 24.19 -4.37 -17.88
C GLU A 531 25.07 -5.26 -18.74
N GLY A 532 24.71 -6.54 -18.87
CA GLY A 532 25.46 -7.50 -19.65
C GLY A 532 25.94 -8.70 -18.86
N ASN A 533 26.04 -8.58 -17.55
CA ASN A 533 26.58 -9.67 -16.73
C ASN A 533 25.68 -10.88 -16.76
N SER A 534 26.26 -12.04 -17.05
CA SER A 534 25.51 -13.28 -17.14
C SER A 534 25.26 -13.83 -15.73
N ALA A 535 24.76 -15.07 -15.66
CA ALA A 535 24.65 -15.73 -14.36
C ALA A 535 25.99 -16.17 -13.82
N LEU A 536 27.03 -16.19 -14.67
CA LEU A 536 28.36 -16.61 -14.24
C LEU A 536 29.26 -15.43 -13.91
N HIS A 537 29.05 -14.28 -14.55
CA HIS A 537 29.81 -13.08 -14.21
C HIS A 537 29.49 -12.57 -12.82
N ILE A 538 28.35 -12.93 -12.26
CA ILE A 538 27.92 -12.43 -10.96
C ILE A 538 28.43 -13.31 -9.83
N ILE A 539 28.40 -14.63 -10.00
CA ILE A 539 28.82 -15.52 -8.92
C ILE A 539 30.32 -15.43 -8.71
N VAL A 540 31.10 -15.26 -9.78
CA VAL A 540 32.55 -15.23 -9.62
C VAL A 540 33.02 -14.00 -8.86
N GLN A 541 32.15 -13.03 -8.64
CA GLN A 541 32.47 -11.84 -7.86
C GLN A 541 32.24 -12.03 -6.37
N TYR A 542 31.91 -13.25 -5.95
CA TYR A 542 31.57 -13.51 -4.56
C TYR A 542 32.76 -13.22 -3.66
N ASN A 543 32.51 -12.50 -2.56
CA ASN A 543 33.56 -12.05 -1.67
C ASN A 543 33.89 -13.02 -0.56
N ARG A 544 33.23 -14.18 -0.51
CA ARG A 544 33.47 -15.20 0.50
C ARG A 544 33.75 -16.52 -0.19
N PRO A 545 34.96 -16.72 -0.70
CA PRO A 545 35.29 -17.97 -1.39
C PRO A 545 35.81 -19.07 -0.48
N ILE A 546 36.03 -18.81 0.81
CA ILE A 546 36.57 -19.79 1.73
C ILE A 546 35.56 -20.17 2.80
N SER A 547 34.77 -19.19 3.28
CA SER A 547 33.83 -19.47 4.36
C SER A 547 32.77 -20.48 3.96
N ASP A 548 32.20 -20.32 2.76
CA ASP A 548 31.18 -21.23 2.24
C ASP A 548 31.58 -21.72 0.86
N PHE A 549 32.82 -22.22 0.76
CA PHE A 549 33.38 -22.68 -0.50
C PHE A 549 32.47 -23.67 -1.20
N LEU A 550 31.88 -24.59 -0.43
CA LEU A 550 30.94 -25.54 -1.02
C LEU A 550 29.77 -24.82 -1.67
N THR A 551 29.15 -23.89 -0.94
CA THR A 551 28.08 -23.08 -1.49
C THR A 551 28.55 -22.25 -2.69
N LEU A 552 29.86 -22.03 -2.81
CA LEU A 552 30.41 -21.49 -4.06
C LEU A 552 30.70 -22.59 -5.07
N HIS A 553 31.37 -23.66 -4.64
CA HIS A 553 31.76 -24.69 -5.59
C HIS A 553 30.55 -25.30 -6.26
N SER A 554 29.60 -25.78 -5.46
CA SER A 554 28.39 -26.37 -5.99
C SER A 554 27.48 -25.37 -6.69
N ILE A 555 27.85 -24.08 -6.75
CA ILE A 555 27.08 -23.13 -7.54
C ILE A 555 27.85 -22.67 -8.76
N ILE A 556 29.16 -22.94 -8.83
CA ILE A 556 29.92 -22.60 -10.03
C ILE A 556 30.19 -23.83 -10.88
N ILE A 557 29.97 -25.02 -10.34
CA ILE A 557 29.99 -26.22 -11.15
C ILE A 557 28.59 -26.57 -11.65
N SER A 558 27.54 -26.12 -10.96
CA SER A 558 26.19 -26.39 -11.42
C SER A 558 25.84 -25.52 -12.62
N LEU A 559 26.32 -24.28 -12.63
CA LEU A 559 26.07 -23.40 -13.77
C LEU A 559 26.80 -23.89 -15.01
N VAL A 560 28.10 -24.17 -14.88
CA VAL A 560 28.91 -24.50 -16.05
C VAL A 560 28.52 -25.86 -16.62
N GLU A 561 28.25 -26.83 -15.75
CA GLU A 561 27.91 -28.16 -16.25
C GLU A 561 26.52 -28.22 -16.86
N ALA A 562 25.67 -27.22 -16.62
CA ALA A 562 24.30 -27.29 -17.13
C ALA A 562 24.20 -26.66 -18.53
N GLY A 563 24.42 -25.37 -18.63
CA GLY A 563 24.48 -24.77 -19.95
C GLY A 563 25.36 -23.53 -20.10
N ALA A 564 26.08 -23.16 -19.06
CA ALA A 564 26.72 -21.85 -19.05
C ALA A 564 27.90 -21.79 -20.00
N HIS A 565 28.14 -20.61 -20.54
CA HIS A 565 29.32 -20.36 -21.37
C HIS A 565 30.38 -19.70 -20.49
N THR A 566 31.54 -20.34 -20.41
CA THR A 566 32.59 -19.86 -19.51
C THR A 566 33.27 -18.62 -20.06
N ASP A 567 33.33 -18.48 -21.37
CA ASP A 567 34.07 -17.41 -22.02
C ASP A 567 33.17 -16.31 -22.57
N MET A 568 31.88 -16.31 -22.24
CA MET A 568 30.97 -15.34 -22.81
C MET A 568 31.26 -13.95 -22.26
N THR A 569 31.14 -12.95 -23.12
CA THR A 569 31.61 -11.61 -22.85
C THR A 569 30.42 -10.67 -22.68
N ASN A 570 30.40 -9.94 -21.57
CA ASN A 570 29.32 -9.00 -21.32
C ASN A 570 29.52 -7.74 -22.16
N LYS A 571 28.66 -6.75 -21.94
CA LYS A 571 28.70 -5.53 -22.75
C LYS A 571 29.89 -4.65 -22.43
N GLN A 572 30.65 -4.94 -21.37
CA GLN A 572 31.83 -4.17 -21.02
C GLN A 572 33.11 -4.81 -21.52
N ASN A 573 33.00 -5.81 -22.39
CA ASN A 573 34.14 -6.55 -22.93
C ASN A 573 35.00 -7.15 -21.83
N LYS A 574 34.36 -8.00 -21.02
CA LYS A 574 35.02 -8.62 -19.87
C LYS A 574 34.69 -10.11 -19.84
N THR A 575 35.72 -10.93 -20.00
CA THR A 575 35.61 -12.37 -19.78
C THR A 575 35.36 -12.62 -18.29
N PRO A 576 34.59 -13.66 -17.94
CA PRO A 576 34.33 -13.93 -16.52
C PRO A 576 35.58 -14.13 -15.66
N LEU A 577 36.73 -14.45 -16.26
CA LEU A 577 37.96 -14.44 -15.46
C LEU A 577 38.43 -13.02 -15.20
N ASP A 578 38.08 -12.08 -16.09
CA ASP A 578 38.46 -10.69 -15.85
C ASP A 578 37.59 -10.06 -14.77
N LYS A 579 36.29 -10.36 -14.77
CA LYS A 579 35.39 -9.84 -13.74
C LYS A 579 35.24 -10.81 -12.58
N SER A 580 36.36 -11.19 -11.98
CA SER A 580 36.40 -12.17 -10.90
C SER A 580 36.77 -11.57 -9.56
N THR A 581 37.90 -10.86 -9.49
CA THR A 581 38.37 -10.20 -8.26
C THR A 581 38.50 -11.17 -7.09
N THR A 582 38.85 -12.42 -7.38
CA THR A 582 39.04 -13.44 -6.35
C THR A 582 39.84 -14.58 -6.95
N GLY A 583 40.95 -14.92 -6.31
CA GLY A 583 41.78 -16.01 -6.82
C GLY A 583 41.06 -17.35 -6.80
N VAL A 584 40.32 -17.62 -5.73
CA VAL A 584 39.65 -18.91 -5.58
C VAL A 584 38.57 -19.07 -6.64
N SER A 585 37.76 -18.03 -6.85
CA SER A 585 36.71 -18.12 -7.86
C SER A 585 37.29 -18.23 -9.25
N GLU A 586 38.38 -17.51 -9.53
CA GLU A 586 39.01 -17.58 -10.84
C GLU A 586 39.55 -18.98 -11.11
N ILE A 587 40.20 -19.59 -10.12
CA ILE A 587 40.73 -20.95 -10.32
C ILE A 587 39.59 -21.96 -10.42
N LEU A 588 38.55 -21.79 -9.61
CA LEU A 588 37.42 -22.73 -9.66
C LEU A 588 36.63 -22.60 -10.95
N LEU A 589 36.71 -21.45 -11.62
CA LEU A 589 36.09 -21.34 -12.93
C LEU A 589 37.01 -21.85 -14.02
N LYS A 590 38.31 -21.62 -13.88
CA LYS A 590 39.28 -22.09 -14.87
C LYS A 590 39.37 -23.61 -14.89
N THR A 591 39.11 -24.26 -13.76
CA THR A 591 39.10 -25.72 -13.77
C THR A 591 37.89 -26.28 -14.50
N GLN A 592 36.84 -25.48 -14.69
CA GLN A 592 35.66 -25.88 -15.45
C GLN A 592 35.68 -25.37 -16.87
N MET A 593 36.75 -24.69 -17.28
CA MET A 593 36.83 -24.05 -18.59
C MET A 593 37.48 -25.01 -19.57
N LYS A 594 36.72 -25.48 -20.55
CA LYS A 594 37.24 -26.31 -21.61
C LYS A 594 37.44 -25.44 -22.85
N MET A 595 38.68 -25.31 -23.30
CA MET A 595 38.94 -24.54 -24.49
C MET A 595 38.37 -25.26 -25.71
N SER A 596 37.83 -24.48 -26.64
CA SER A 596 37.22 -25.04 -27.83
C SER A 596 37.58 -24.16 -29.01
N LEU A 597 37.56 -24.77 -30.20
CA LEU A 597 37.88 -24.02 -31.40
C LEU A 597 36.81 -22.98 -31.70
N LYS A 598 35.57 -23.23 -31.28
CA LYS A 598 34.49 -22.27 -31.55
C LYS A 598 34.73 -20.97 -30.81
N CYS A 599 35.11 -21.03 -29.53
CA CYS A 599 35.35 -19.81 -28.78
C CYS A 599 36.56 -19.04 -29.32
N LEU A 600 37.63 -19.76 -29.69
CA LEU A 600 38.79 -19.06 -30.25
C LEU A 600 38.47 -18.42 -31.58
N ALA A 601 37.74 -19.12 -32.45
CA ALA A 601 37.36 -18.54 -33.73
C ALA A 601 36.41 -17.35 -33.55
N ALA A 602 35.48 -17.45 -32.61
CA ALA A 602 34.57 -16.33 -32.37
C ALA A 602 35.30 -15.12 -31.81
N ARG A 603 36.26 -15.34 -30.90
CA ARG A 603 37.02 -14.22 -30.37
C ARG A 603 37.90 -13.60 -31.45
N ALA A 604 38.49 -14.42 -32.31
CA ALA A 604 39.29 -13.87 -33.41
C ALA A 604 38.43 -13.15 -34.43
N VAL A 605 37.17 -13.56 -34.59
CA VAL A 605 36.26 -12.85 -35.47
C VAL A 605 35.87 -11.51 -34.87
N ARG A 606 35.54 -11.49 -33.58
CA ARG A 606 35.08 -10.25 -32.96
C ARG A 606 36.21 -9.25 -32.75
N ALA A 607 37.45 -9.73 -32.62
CA ALA A 607 38.54 -8.82 -32.29
C ALA A 607 38.89 -7.90 -33.46
N ASN A 608 38.90 -8.43 -34.68
CA ASN A 608 39.34 -7.65 -35.84
C ASN A 608 38.19 -7.12 -36.68
N ASP A 609 36.96 -7.17 -36.17
CA ASP A 609 35.78 -6.56 -36.80
C ASP A 609 35.54 -7.13 -38.20
N ILE A 610 35.22 -8.41 -38.25
CA ILE A 610 34.84 -9.07 -39.48
C ILE A 610 33.32 -9.03 -39.59
N ASN A 611 32.82 -8.63 -40.75
CA ASN A 611 31.38 -8.51 -40.99
C ASN A 611 30.79 -9.92 -41.01
N TYR A 612 30.12 -10.30 -39.92
CA TYR A 612 29.58 -11.63 -39.76
C TYR A 612 28.05 -11.65 -39.80
N GLN A 613 27.45 -10.71 -40.50
CA GLN A 613 26.00 -10.66 -40.62
C GLN A 613 25.58 -11.48 -41.83
N ASP A 614 24.71 -12.47 -41.60
CA ASP A 614 24.10 -13.33 -42.60
C ASP A 614 25.09 -14.23 -43.33
N GLN A 615 26.37 -14.20 -42.97
CA GLN A 615 27.35 -15.11 -43.56
C GLN A 615 27.65 -16.30 -42.68
N ILE A 616 27.00 -16.39 -41.52
CA ILE A 616 27.15 -17.53 -40.62
C ILE A 616 25.78 -18.00 -40.19
N PRO A 617 25.64 -19.25 -39.77
CA PRO A 617 24.33 -19.75 -39.35
C PRO A 617 23.73 -18.92 -38.23
N ARG A 618 22.41 -18.84 -38.23
CA ARG A 618 21.69 -17.93 -37.33
C ARG A 618 21.95 -18.23 -35.87
N THR A 619 22.30 -19.47 -35.54
CA THR A 619 22.64 -19.76 -34.15
C THR A 619 24.06 -19.36 -33.79
N LEU A 620 24.91 -19.09 -34.78
CA LEU A 620 26.26 -18.59 -34.50
C LEU A 620 26.33 -17.07 -34.49
N GLU A 621 25.33 -16.35 -34.99
CA GLU A 621 25.36 -14.90 -34.88
C GLU A 621 25.29 -14.47 -33.42
N GLU A 622 24.39 -15.09 -32.63
CA GLU A 622 24.37 -14.80 -31.20
C GLU A 622 25.62 -15.35 -30.51
N PHE A 623 26.17 -16.45 -31.01
CA PHE A 623 27.39 -17.01 -30.45
C PHE A 623 28.55 -16.03 -30.58
N VAL A 624 28.73 -15.47 -31.78
CA VAL A 624 29.76 -14.47 -31.99
C VAL A 624 29.43 -13.20 -31.22
N GLY A 625 28.15 -12.87 -31.09
CA GLY A 625 27.75 -11.73 -30.29
C GLY A 625 28.05 -11.87 -28.81
N PHE A 626 28.14 -13.10 -28.31
CA PHE A 626 28.60 -13.29 -26.94
C PHE A 626 30.02 -12.78 -26.77
N HIS A 627 30.98 -13.43 -27.43
CA HIS A 627 32.39 -13.18 -27.20
C HIS A 627 32.80 -11.79 -27.67
N LYS B 10 8.37 -8.92 16.95
CA LYS B 10 7.53 -10.10 16.79
C LYS B 10 6.72 -10.02 15.50
N HIS B 11 5.63 -10.79 15.43
CA HIS B 11 4.82 -10.82 14.23
C HIS B 11 3.66 -9.82 14.28
N SER B 12 3.01 -9.68 15.43
CA SER B 12 1.93 -8.70 15.53
C SER B 12 2.46 -7.28 15.48
N LEU B 13 3.66 -7.04 15.99
CA LEU B 13 4.26 -5.70 15.97
C LEU B 13 4.97 -5.40 14.66
N ASP B 14 4.32 -5.69 13.53
CA ASP B 14 4.87 -5.38 12.22
C ASP B 14 3.76 -4.83 11.32
N LEU B 15 2.51 -5.11 11.70
CA LEU B 15 1.37 -4.76 10.88
C LEU B 15 0.92 -3.32 11.08
N LEU B 16 1.58 -2.59 11.97
CA LEU B 16 1.22 -1.20 12.24
C LEU B 16 1.41 -0.31 11.00
N LYS B 25 -6.20 6.14 0.24
CA LYS B 25 -7.52 6.72 0.48
C LYS B 25 -7.40 8.23 0.65
N LEU B 26 -6.17 8.72 0.74
CA LEU B 26 -5.92 10.15 0.88
C LEU B 26 -6.34 10.94 -0.34
N ARG B 27 -6.49 10.29 -1.50
CA ARG B 27 -6.93 10.99 -2.70
C ARG B 27 -8.34 11.55 -2.53
N HIS B 28 -9.23 10.77 -1.93
CA HIS B 28 -10.61 11.20 -1.68
C HIS B 28 -10.72 12.11 -0.46
N LEU B 29 -9.65 12.28 0.30
CA LEU B 29 -9.67 13.09 1.52
C LEU B 29 -8.88 14.39 1.35
N SER B 30 -8.84 14.92 0.12
CA SER B 30 -8.14 16.18 -0.12
C SER B 30 -8.87 17.32 0.58
N PRO B 31 -8.13 18.28 1.16
CA PRO B 31 -8.74 19.40 1.87
C PRO B 31 -9.44 20.38 0.93
#